data_3WPR
#
_entry.id   3WPR
#
_cell.length_a   71.390
_cell.length_b   42.980
_cell.length_c   118.070
_cell.angle_alpha   90.00
_cell.angle_beta   101.01
_cell.angle_gamma   90.00
#
_symmetry.space_group_name_H-M   'P 1 21 1'
#
loop_
_entity.id
_entity.type
_entity.pdbx_description
1 polymer 'Trimeric autotransporter adhesin'
2 water water
#
_entity_poly.entity_id   1
_entity_poly.type   'polypeptide(L)'
_entity_poly.pdbx_seq_one_letter_code
;MKQIEDKIEEILSKIYHIENEIARIKKLIKAVGNQVVTTQTTLVNSLGGNAKVNADGTITGPTYNVAQGNQTNVGDALTA
LDNAINTAATTSKSTVSNGQNIVVSKSKNADGSDNYEVSTAKDLTVDSVKAGDTVLNNAGITIGNNAVVLNNTGLTISGG
PSVTLAGIDAGNKTIQNVANAVNATDAVNKGQMKQIEDKIEEILSKIYHIENEIARIKKLIKLHHHHHH
;
_entity_poly.pdbx_strand_id   A,B,C
#
# COMPACT_ATOMS: atom_id res chain seq x y z
N LYS A 2 -90.90 29.80 -61.72
CA LYS A 2 -89.90 30.35 -62.62
C LYS A 2 -88.52 29.76 -62.35
N GLN A 3 -87.70 29.68 -63.38
CA GLN A 3 -86.36 29.13 -63.26
C GLN A 3 -85.45 30.07 -62.48
N ILE A 4 -85.71 31.36 -62.60
CA ILE A 4 -84.86 32.39 -62.00
C ILE A 4 -84.87 32.33 -60.47
N GLU A 5 -86.06 32.30 -59.88
CA GLU A 5 -86.19 32.26 -58.43
C GLU A 5 -85.58 30.99 -57.83
N ASP A 6 -85.80 29.87 -58.51
CA ASP A 6 -85.27 28.58 -58.08
C ASP A 6 -83.74 28.55 -58.20
N LYS A 7 -83.22 29.24 -59.21
CA LYS A 7 -81.77 29.34 -59.40
C LYS A 7 -81.14 30.19 -58.31
N ILE A 8 -81.77 31.32 -57.98
CA ILE A 8 -81.31 32.14 -56.86
C ILE A 8 -81.30 31.32 -55.58
N GLU A 9 -82.40 30.60 -55.33
CA GLU A 9 -82.54 29.77 -54.14
C GLU A 9 -81.42 28.72 -54.06
N GLU A 10 -81.16 28.05 -55.18
CA GLU A 10 -80.10 27.06 -55.29
C GLU A 10 -78.75 27.66 -54.96
N ILE A 11 -78.46 28.81 -55.57
CA ILE A 11 -77.22 29.55 -55.35
C ILE A 11 -77.02 29.87 -53.88
N LEU A 12 -78.06 30.40 -53.24
CA LEU A 12 -77.99 30.77 -51.83
C LEU A 12 -77.76 29.54 -50.94
N SER A 13 -78.42 28.44 -51.26
CA SER A 13 -78.21 27.19 -50.53
C SER A 13 -76.76 26.74 -50.61
N LYS A 14 -76.23 26.72 -51.83
CA LYS A 14 -74.83 26.33 -52.03
C LYS A 14 -73.86 27.25 -51.29
N ILE A 15 -74.13 28.55 -51.29
CA ILE A 15 -73.31 29.49 -50.54
C ILE A 15 -73.35 29.19 -49.04
N TYR A 16 -74.54 28.93 -48.52
CA TYR A 16 -74.69 28.57 -47.11
C TYR A 16 -73.82 27.36 -46.77
N HIS A 17 -73.90 26.33 -47.59
CA HIS A 17 -73.09 25.13 -47.39
C HIS A 17 -71.59 25.42 -47.46
N ILE A 18 -71.19 26.24 -48.41
CA ILE A 18 -69.78 26.62 -48.56
C ILE A 18 -69.27 27.36 -47.34
N GLU A 19 -70.09 28.26 -46.80
CA GLU A 19 -69.74 29.02 -45.60
C GLU A 19 -69.56 28.08 -44.41
N ASN A 20 -70.49 27.13 -44.24
CA ASN A 20 -70.33 26.13 -43.18
C ASN A 20 -69.04 25.33 -43.32
N GLU A 21 -68.75 24.90 -44.55
CA GLU A 21 -67.51 24.20 -44.84
C GLU A 21 -66.28 25.04 -44.45
N ILE A 22 -66.32 26.32 -44.77
CA ILE A 22 -65.24 27.25 -44.44
C ILE A 22 -65.02 27.33 -42.94
N ALA A 23 -66.12 27.48 -42.20
CA ALA A 23 -66.04 27.50 -40.74
C ALA A 23 -65.35 26.23 -40.23
N ARG A 24 -65.79 25.09 -40.73
CA ARG A 24 -65.19 23.82 -40.36
C ARG A 24 -63.68 23.79 -40.61
N ILE A 25 -63.29 24.18 -41.83
CA ILE A 25 -61.89 24.19 -42.23
C ILE A 25 -61.05 25.10 -41.33
N LYS A 26 -61.57 26.29 -41.04
CA LYS A 26 -60.92 27.19 -40.10
C LYS A 26 -60.67 26.50 -38.76
N LYS A 27 -61.71 25.84 -38.24
CA LYS A 27 -61.56 25.10 -36.98
C LYS A 27 -60.46 24.05 -37.04
N LEU A 28 -60.45 23.28 -38.12
CA LEU A 28 -59.42 22.26 -38.33
C LEU A 28 -58.02 22.87 -38.29
N ILE A 29 -57.79 23.88 -39.13
CA ILE A 29 -56.49 24.53 -39.22
C ILE A 29 -56.03 25.09 -37.88
N LYS A 30 -56.94 25.77 -37.19
CA LYS A 30 -56.65 26.27 -35.84
C LYS A 30 -56.17 25.14 -34.92
N ALA A 31 -56.94 24.05 -34.89
CA ALA A 31 -56.59 22.90 -34.05
C ALA A 31 -55.22 22.30 -34.38
N VAL A 32 -54.95 22.12 -35.67
CA VAL A 32 -53.68 21.53 -36.10
C VAL A 32 -52.50 22.44 -35.76
N GLY A 33 -52.70 23.75 -35.93
CA GLY A 33 -51.70 24.73 -35.55
C GLY A 33 -51.38 24.63 -34.07
N ASN A 34 -52.44 24.62 -33.25
CA ASN A 34 -52.28 24.45 -31.81
C ASN A 34 -51.50 23.17 -31.45
N GLN A 35 -51.86 22.07 -32.10
CA GLN A 35 -51.18 20.80 -31.88
C GLN A 35 -49.69 20.89 -32.20
N VAL A 36 -49.37 21.52 -33.33
CA VAL A 36 -47.99 21.73 -33.74
C VAL A 36 -47.22 22.55 -32.71
N VAL A 37 -47.80 23.66 -32.26
CA VAL A 37 -47.18 24.48 -31.22
C VAL A 37 -46.88 23.65 -29.97
N THR A 38 -47.87 22.87 -29.55
CA THR A 38 -47.69 22.01 -28.36
C THR A 38 -46.57 21.01 -28.58
N THR A 39 -46.45 20.50 -29.80
CA THR A 39 -45.38 19.56 -30.14
C THR A 39 -44.01 20.22 -30.05
N GLN A 40 -43.91 21.44 -30.57
CA GLN A 40 -42.66 22.21 -30.48
C GLN A 40 -42.28 22.43 -29.01
N THR A 41 -43.25 22.82 -28.21
CA THR A 41 -43.02 23.03 -26.79
C THR A 41 -42.55 21.76 -26.08
N THR A 42 -43.21 20.64 -26.36
CA THR A 42 -42.81 19.36 -25.76
C THR A 42 -41.40 18.96 -26.19
N LEU A 43 -41.09 19.18 -27.46
CA LEU A 43 -39.76 18.91 -28.00
C LEU A 43 -38.71 19.68 -27.19
N VAL A 44 -38.91 20.99 -27.13
CA VAL A 44 -38.01 21.88 -26.40
C VAL A 44 -37.83 21.49 -24.93
N ASN A 45 -38.93 21.23 -24.25
CA ASN A 45 -38.87 20.89 -22.82
C ASN A 45 -38.26 19.53 -22.56
N SER A 46 -38.46 18.59 -23.49
CA SER A 46 -37.94 17.24 -23.34
C SER A 46 -36.45 17.16 -23.65
N LEU A 47 -35.97 18.02 -24.55
CA LEU A 47 -34.55 18.05 -24.88
C LEU A 47 -33.70 18.72 -23.81
N GLY A 48 -34.26 19.77 -23.20
CA GLY A 48 -33.48 20.60 -22.29
C GLY A 48 -32.36 21.29 -23.04
N GLY A 49 -31.22 21.47 -22.37
CA GLY A 49 -30.06 22.06 -23.02
C GLY A 49 -30.27 23.50 -23.44
N ASN A 50 -31.20 24.17 -22.78
CA ASN A 50 -31.59 25.56 -23.11
C ASN A 50 -32.28 25.71 -24.46
N ALA A 51 -32.81 24.62 -25.00
CA ALA A 51 -33.62 24.70 -26.21
C ALA A 51 -34.82 25.59 -25.94
N LYS A 52 -35.27 26.33 -26.96
CA LYS A 52 -36.44 27.19 -26.84
C LYS A 52 -37.03 27.60 -28.19
N VAL A 53 -38.35 27.74 -28.23
CA VAL A 53 -39.04 28.23 -29.41
C VAL A 53 -38.98 29.76 -29.45
N ASN A 54 -38.46 30.30 -30.55
CA ASN A 54 -38.33 31.74 -30.70
C ASN A 54 -39.58 32.38 -31.29
N ALA A 55 -39.70 33.70 -31.13
CA ALA A 55 -40.89 34.43 -31.56
C ALA A 55 -41.06 34.41 -33.07
N ASP A 56 -39.96 34.36 -33.80
CA ASP A 56 -40.00 34.35 -35.26
C ASP A 56 -40.33 32.94 -35.80
N GLY A 57 -40.73 32.05 -34.91
CA GLY A 57 -41.12 30.71 -35.30
C GLY A 57 -39.96 29.73 -35.35
N THR A 58 -38.75 30.25 -35.30
CA THR A 58 -37.56 29.39 -35.35
C THR A 58 -37.33 28.75 -33.98
N ILE A 59 -36.60 27.64 -33.99
CA ILE A 59 -36.30 26.93 -32.75
C ILE A 59 -34.80 26.82 -32.54
N THR A 60 -34.32 27.30 -31.40
CA THR A 60 -32.91 27.12 -31.04
C THR A 60 -32.74 25.76 -30.36
N GLY A 61 -31.83 24.96 -30.89
CA GLY A 61 -31.60 23.63 -30.38
C GLY A 61 -30.92 23.63 -29.02
N PRO A 62 -30.70 22.44 -28.45
CA PRO A 62 -30.03 22.38 -27.15
C PRO A 62 -28.52 22.52 -27.31
N THR A 63 -27.89 23.06 -26.28
CA THR A 63 -26.43 22.97 -26.17
C THR A 63 -26.12 22.26 -24.85
N TYR A 64 -25.54 21.07 -24.94
CA TYR A 64 -25.21 20.30 -23.75
C TYR A 64 -23.75 20.53 -23.39
N ASN A 65 -23.41 20.24 -22.14
CA ASN A 65 -22.07 20.55 -21.65
C ASN A 65 -21.42 19.41 -20.86
N VAL A 66 -21.18 18.28 -21.52
CA VAL A 66 -20.58 17.13 -20.84
C VAL A 66 -19.11 16.92 -21.25
N ALA A 67 -18.38 16.18 -20.42
CA ALA A 67 -17.02 15.76 -20.72
C ALA A 67 -16.08 16.91 -21.15
N GLN A 68 -16.21 18.05 -20.48
CA GLN A 68 -15.36 19.21 -20.73
C GLN A 68 -15.47 19.75 -22.16
N GLY A 69 -16.65 19.60 -22.74
CA GLY A 69 -16.89 20.11 -24.07
C GLY A 69 -18.30 20.66 -24.18
N ASN A 70 -18.69 21.02 -25.40
CA ASN A 70 -20.07 21.42 -25.69
C ASN A 70 -20.58 20.70 -26.94
N GLN A 71 -21.79 20.15 -26.85
CA GLN A 71 -22.37 19.42 -27.97
C GLN A 71 -23.72 20.00 -28.35
N THR A 72 -24.05 19.97 -29.64
CA THR A 72 -25.28 20.57 -30.13
C THR A 72 -26.38 19.53 -30.35
N ASN A 73 -26.06 18.27 -30.06
CA ASN A 73 -27.05 17.20 -30.17
C ASN A 73 -26.82 16.11 -29.13
N VAL A 74 -27.82 15.24 -28.96
CA VAL A 74 -27.77 14.18 -27.93
C VAL A 74 -26.73 13.11 -28.24
N GLY A 75 -26.60 12.74 -29.51
CA GLY A 75 -25.65 11.72 -29.91
C GLY A 75 -24.21 12.05 -29.57
N ASP A 76 -23.78 13.26 -29.94
CA ASP A 76 -22.42 13.71 -29.61
C ASP A 76 -22.17 13.71 -28.11
N ALA A 77 -23.17 14.10 -27.33
CA ALA A 77 -23.05 14.08 -25.87
C ALA A 77 -22.89 12.66 -25.32
N LEU A 78 -23.73 11.74 -25.81
CA LEU A 78 -23.64 10.35 -25.38
C LEU A 78 -22.28 9.75 -25.70
N THR A 79 -21.77 10.04 -26.89
CA THR A 79 -20.45 9.56 -27.29
C THR A 79 -19.36 10.15 -26.38
N ALA A 80 -19.47 11.45 -26.12
CA ALA A 80 -18.55 12.13 -25.21
C ALA A 80 -18.52 11.45 -23.83
N LEU A 81 -19.69 11.15 -23.29
CA LEU A 81 -19.77 10.48 -21.99
C LEU A 81 -19.19 9.07 -22.03
N ASP A 82 -19.47 8.33 -23.11
CA ASP A 82 -18.93 6.99 -23.28
C ASP A 82 -17.40 7.01 -23.20
N ASN A 83 -16.79 7.88 -24.01
CA ASN A 83 -15.33 8.06 -23.98
C ASN A 83 -14.80 8.48 -22.61
N ALA A 84 -15.49 9.44 -22.00
CA ALA A 84 -15.12 9.92 -20.66
C ALA A 84 -15.06 8.75 -19.68
N ILE A 85 -16.04 7.86 -19.77
CA ILE A 85 -16.11 6.69 -18.90
C ILE A 85 -14.95 5.72 -19.16
N ASN A 86 -14.67 5.44 -20.42
CA ASN A 86 -13.56 4.54 -20.72
C ASN A 86 -12.23 5.07 -20.15
N THR A 87 -11.96 6.35 -20.40
CA THR A 87 -10.77 6.99 -19.84
C THR A 87 -10.72 6.95 -18.31
N ALA A 88 -11.83 7.34 -17.69
CA ALA A 88 -11.91 7.39 -16.24
C ALA A 88 -11.70 6.01 -15.61
N ALA A 89 -12.25 4.99 -16.24
CA ALA A 89 -12.07 3.62 -15.76
C ALA A 89 -10.60 3.22 -15.90
N THR A 90 -9.97 3.65 -16.99
CA THR A 90 -8.57 3.33 -17.22
C THR A 90 -7.62 3.96 -16.20
N THR A 91 -7.74 5.27 -16.01
CA THR A 91 -6.77 5.99 -15.16
C THR A 91 -7.02 5.89 -13.65
N SER A 92 -8.23 5.48 -13.26
CA SER A 92 -8.54 5.39 -11.83
C SER A 92 -8.08 4.08 -11.20
N LYS A 93 -7.68 3.14 -12.03
CA LYS A 93 -7.33 1.81 -11.58
C LYS A 93 -5.88 1.79 -11.07
N SER A 94 -5.72 2.12 -9.80
CA SER A 94 -4.40 2.17 -9.17
C SER A 94 -3.79 0.78 -8.99
N THR A 95 -2.47 0.69 -9.12
CA THR A 95 -1.77 -0.57 -8.96
C THR A 95 -0.69 -0.47 -7.87
N VAL A 96 -0.25 -1.62 -7.38
CA VAL A 96 0.81 -1.69 -6.36
C VAL A 96 1.89 -2.68 -6.77
N SER A 97 3.15 -2.32 -6.56
CA SER A 97 4.27 -3.21 -6.85
C SER A 97 5.27 -3.28 -5.71
N ASN A 98 6.17 -4.26 -5.77
CA ASN A 98 7.12 -4.50 -4.68
C ASN A 98 8.49 -3.89 -4.94
N GLY A 99 9.08 -3.33 -3.89
CA GLY A 99 10.46 -2.90 -3.93
C GLY A 99 11.30 -3.78 -3.01
N GLN A 100 12.39 -3.22 -2.49
CA GLN A 100 13.29 -3.97 -1.61
C GLN A 100 12.60 -4.50 -0.35
N ASN A 101 12.81 -5.78 -0.08
CA ASN A 101 12.31 -6.47 1.12
C ASN A 101 10.81 -6.72 1.16
N ILE A 102 10.12 -6.36 0.09
CA ILE A 102 8.65 -6.45 0.03
C ILE A 102 8.19 -7.45 -1.05
N VAL A 103 7.09 -8.14 -0.76
CA VAL A 103 6.44 -9.03 -1.71
C VAL A 103 4.99 -8.59 -1.88
N VAL A 104 4.56 -8.41 -3.12
CA VAL A 104 3.18 -7.99 -3.40
C VAL A 104 2.44 -9.06 -4.19
N SER A 105 1.30 -9.48 -3.66
CA SER A 105 0.48 -10.51 -4.30
C SER A 105 -0.86 -9.94 -4.73
N LYS A 106 -1.10 -9.95 -6.02
CA LYS A 106 -2.32 -9.40 -6.59
C LYS A 106 -3.38 -10.48 -6.79
N SER A 107 -4.62 -10.19 -6.38
CA SER A 107 -5.73 -11.13 -6.64
C SER A 107 -7.00 -10.36 -6.92
N LYS A 108 -8.02 -11.03 -7.44
CA LYS A 108 -9.30 -10.37 -7.68
C LYS A 108 -10.17 -10.39 -6.43
N ASN A 109 -10.71 -9.22 -6.08
CA ASN A 109 -11.81 -9.14 -5.11
C ASN A 109 -13.07 -9.75 -5.71
N ALA A 110 -14.06 -10.02 -4.86
CA ALA A 110 -15.30 -10.66 -5.31
C ALA A 110 -16.04 -9.86 -6.40
N ASP A 111 -16.00 -8.53 -6.32
CA ASP A 111 -16.71 -7.69 -7.28
C ASP A 111 -15.91 -7.40 -8.55
N GLY A 112 -14.75 -8.02 -8.70
CA GLY A 112 -13.97 -7.86 -9.91
C GLY A 112 -12.85 -6.81 -9.82
N SER A 113 -12.84 -6.04 -8.75
CA SER A 113 -11.73 -5.10 -8.51
C SER A 113 -10.49 -5.88 -8.11
N ASP A 114 -9.36 -5.18 -7.98
CA ASP A 114 -8.10 -5.83 -7.61
C ASP A 114 -7.70 -5.55 -6.16
N ASN A 115 -7.16 -6.57 -5.51
CA ASN A 115 -6.55 -6.41 -4.20
C ASN A 115 -5.05 -6.68 -4.28
N TYR A 116 -4.29 -5.87 -3.55
CA TYR A 116 -2.86 -6.08 -3.45
C TYR A 116 -2.50 -6.37 -1.99
N GLU A 117 -2.05 -7.60 -1.77
CA GLU A 117 -1.62 -8.01 -0.44
C GLU A 117 -0.11 -7.75 -0.31
N VAL A 118 0.26 -6.94 0.67
CA VAL A 118 1.65 -6.56 0.89
C VAL A 118 2.23 -7.34 2.06
N SER A 119 3.35 -8.01 1.81
CA SER A 119 4.08 -8.74 2.86
C SER A 119 5.55 -8.31 2.79
N THR A 120 6.35 -8.68 3.78
CA THR A 120 7.79 -8.54 3.65
C THR A 120 8.35 -9.82 3.04
N ALA A 121 9.54 -9.72 2.44
CA ALA A 121 10.28 -10.91 2.05
C ALA A 121 10.65 -11.71 3.29
N LYS A 122 11.15 -12.93 3.10
CA LYS A 122 11.55 -13.78 4.22
C LYS A 122 12.97 -13.44 4.69
N ASP A 123 13.77 -12.91 3.79
CA ASP A 123 15.13 -12.49 4.09
C ASP A 123 15.26 -11.00 3.83
N LEU A 124 15.55 -10.23 4.88
CA LEU A 124 15.66 -8.78 4.76
C LEU A 124 17.12 -8.34 4.62
N THR A 125 17.34 -7.40 3.72
CA THR A 125 18.63 -6.75 3.58
C THR A 125 18.43 -5.28 3.92
N VAL A 126 19.11 -4.81 4.95
CA VAL A 126 18.93 -3.44 5.45
C VAL A 126 20.25 -2.80 5.82
N ASP A 127 20.19 -1.53 6.21
CA ASP A 127 21.36 -0.86 6.78
C ASP A 127 21.41 -1.10 8.29
N SER A 128 20.23 -1.11 8.93
CA SER A 128 20.18 -1.33 10.37
C SER A 128 18.80 -1.76 10.88
N VAL A 129 18.80 -2.38 12.05
CA VAL A 129 17.58 -2.71 12.76
C VAL A 129 17.77 -2.27 14.21
N LYS A 130 16.89 -1.39 14.69
CA LYS A 130 16.95 -0.97 16.09
C LYS A 130 15.76 -1.51 16.86
N ALA A 131 16.06 -2.23 17.94
CA ALA A 131 15.01 -2.74 18.82
C ALA A 131 15.27 -2.30 20.24
N GLY A 132 14.70 -1.17 20.63
CA GLY A 132 14.92 -0.63 21.96
C GLY A 132 16.37 -0.20 22.12
N ASP A 133 17.05 -0.79 23.09
CA ASP A 133 18.44 -0.45 23.37
C ASP A 133 19.41 -1.29 22.56
N THR A 134 18.88 -2.19 21.75
CA THR A 134 19.72 -3.09 20.95
C THR A 134 19.72 -2.71 19.47
N VAL A 135 20.92 -2.51 18.93
CA VAL A 135 21.09 -2.09 17.55
C VAL A 135 21.90 -3.12 16.76
N LEU A 136 21.37 -3.47 15.59
CA LEU A 136 22.02 -4.36 14.65
C LEU A 136 22.39 -3.57 13.40
N ASN A 137 23.68 -3.54 13.06
CA ASN A 137 24.12 -2.88 11.83
C ASN A 137 25.34 -3.57 11.23
N ASN A 138 26.02 -2.90 10.31
CA ASN A 138 27.21 -3.47 9.68
C ASN A 138 28.29 -3.78 10.70
N ALA A 139 28.41 -2.94 11.71
CA ALA A 139 29.45 -3.08 12.73
C ALA A 139 29.22 -4.29 13.63
N GLY A 140 27.96 -4.71 13.75
CA GLY A 140 27.59 -5.85 14.56
C GLY A 140 26.38 -5.62 15.44
N ILE A 141 26.50 -5.97 16.71
CA ILE A 141 25.43 -5.76 17.69
C ILE A 141 25.91 -4.78 18.75
N THR A 142 25.10 -3.80 19.08
CA THR A 142 25.43 -2.88 20.17
C THR A 142 24.26 -2.73 21.13
N ILE A 143 24.49 -2.98 22.41
CA ILE A 143 23.44 -2.85 23.40
C ILE A 143 23.70 -1.64 24.31
N GLY A 144 22.71 -0.76 24.39
CA GLY A 144 22.81 0.43 25.22
C GLY A 144 23.81 1.41 24.63
N ASN A 145 24.24 2.36 25.46
CA ASN A 145 25.20 3.38 25.04
C ASN A 145 26.61 2.81 25.03
N ASN A 146 26.88 1.93 24.07
CA ASN A 146 28.12 1.17 24.00
C ASN A 146 28.40 0.36 25.27
N ALA A 147 27.34 -0.06 25.95
CA ALA A 147 27.49 -0.85 27.17
C ALA A 147 28.10 -2.21 26.85
N VAL A 148 27.57 -2.86 25.83
CA VAL A 148 28.07 -4.16 25.36
C VAL A 148 28.17 -4.11 23.84
N VAL A 149 29.34 -4.45 23.31
CA VAL A 149 29.57 -4.38 21.86
C VAL A 149 30.08 -5.70 21.30
N LEU A 150 29.39 -6.22 20.29
CA LEU A 150 29.88 -7.35 19.51
C LEU A 150 30.19 -6.88 18.10
N ASN A 151 31.47 -6.81 17.76
CA ASN A 151 31.90 -6.43 16.42
C ASN A 151 32.82 -7.45 15.77
N ASN A 152 33.49 -7.06 14.69
CA ASN A 152 34.34 -7.98 13.96
C ASN A 152 35.67 -8.33 14.66
N THR A 153 35.91 -7.72 15.82
CA THR A 153 37.08 -8.08 16.62
C THR A 153 36.66 -8.95 17.81
N GLY A 154 35.36 -8.90 18.14
CA GLY A 154 34.83 -9.72 19.22
C GLY A 154 33.86 -9.02 20.16
N LEU A 155 33.97 -9.37 21.44
CA LEU A 155 33.05 -8.88 22.47
C LEU A 155 33.73 -7.94 23.44
N THR A 156 33.09 -6.82 23.74
CA THR A 156 33.63 -5.87 24.69
C THR A 156 32.55 -5.34 25.61
N ILE A 157 32.81 -5.38 26.92
CA ILE A 157 31.88 -4.85 27.90
C ILE A 157 32.46 -3.62 28.57
N SER A 158 31.74 -2.51 28.50
CA SER A 158 32.18 -1.27 29.11
C SER A 158 32.26 -1.41 30.63
N GLY A 159 33.44 -1.16 31.19
CA GLY A 159 33.63 -1.29 32.62
C GLY A 159 33.82 -2.73 33.06
N GLY A 160 33.97 -3.62 32.09
CA GLY A 160 34.17 -5.03 32.40
C GLY A 160 35.13 -5.72 31.45
N PRO A 161 35.06 -7.05 31.39
CA PRO A 161 35.95 -7.88 30.56
C PRO A 161 35.70 -7.76 29.07
N SER A 162 36.57 -8.38 28.28
CA SER A 162 36.41 -8.42 26.84
C SER A 162 37.05 -9.68 26.26
N VAL A 163 36.47 -10.19 25.18
CA VAL A 163 37.03 -11.32 24.47
C VAL A 163 37.20 -10.92 23.02
N THR A 164 38.42 -10.51 22.66
CA THR A 164 38.68 -10.01 21.30
C THR A 164 39.81 -10.78 20.62
N LEU A 165 40.08 -10.39 19.38
CA LEU A 165 41.18 -10.96 18.61
C LEU A 165 42.51 -10.82 19.34
N ALA A 166 42.68 -9.71 20.05
CA ALA A 166 43.91 -9.44 20.80
C ALA A 166 44.02 -10.34 22.02
N GLY A 167 42.94 -11.04 22.34
CA GLY A 167 42.93 -11.96 23.45
C GLY A 167 41.85 -11.68 24.47
N ILE A 168 42.04 -12.21 25.67
CA ILE A 168 41.05 -12.10 26.73
C ILE A 168 41.48 -11.11 27.81
N ASP A 169 40.62 -10.13 28.07
CA ASP A 169 40.80 -9.15 29.14
C ASP A 169 39.79 -9.49 30.23
N ALA A 170 40.27 -9.65 31.46
CA ALA A 170 39.41 -10.03 32.57
C ALA A 170 38.84 -8.83 33.31
N GLY A 171 39.19 -7.63 32.84
CA GLY A 171 38.63 -6.39 33.37
C GLY A 171 38.93 -6.09 34.83
N ASN A 172 40.14 -6.40 35.29
CA ASN A 172 40.53 -6.19 36.68
C ASN A 172 39.54 -6.81 37.68
N LYS A 173 39.02 -7.97 37.31
CA LYS A 173 38.19 -8.78 38.20
C LYS A 173 38.75 -10.20 38.19
N THR A 174 38.32 -11.03 39.14
CA THR A 174 38.80 -12.41 39.19
C THR A 174 38.17 -13.22 38.06
N ILE A 175 38.82 -14.32 37.71
CA ILE A 175 38.24 -15.29 36.79
C ILE A 175 37.86 -16.50 37.63
N GLN A 176 36.56 -16.74 37.76
CA GLN A 176 36.07 -17.75 38.71
C GLN A 176 35.71 -19.08 38.06
N ASN A 177 35.63 -20.12 38.89
CA ASN A 177 35.19 -21.45 38.48
C ASN A 177 36.04 -22.06 37.38
N VAL A 178 37.35 -22.00 37.57
CA VAL A 178 38.31 -22.60 36.66
C VAL A 178 38.62 -24.01 37.15
N ALA A 179 38.36 -25.01 36.31
CA ALA A 179 38.70 -26.38 36.66
C ALA A 179 40.22 -26.54 36.68
N ASN A 180 40.69 -27.58 37.37
CA ASN A 180 42.13 -27.83 37.47
C ASN A 180 42.79 -27.97 36.12
N ALA A 181 43.94 -27.33 35.96
CA ALA A 181 44.72 -27.41 34.72
C ALA A 181 45.25 -28.82 34.51
N VAL A 182 45.15 -29.30 33.28
CA VAL A 182 45.69 -30.61 32.93
C VAL A 182 46.87 -30.45 31.97
N ASN A 183 46.67 -29.68 30.91
CA ASN A 183 47.73 -29.41 29.96
C ASN A 183 48.64 -28.27 30.44
N ALA A 184 49.85 -28.21 29.89
CA ALA A 184 50.82 -27.20 30.27
C ALA A 184 50.32 -25.78 30.00
N THR A 185 49.51 -25.62 28.96
CA THR A 185 49.02 -24.30 28.58
C THR A 185 47.63 -24.00 29.14
N ASP A 186 47.22 -24.75 30.17
CA ASP A 186 45.94 -24.50 30.81
C ASP A 186 46.12 -23.59 32.02
N ALA A 187 45.11 -22.77 32.28
CA ALA A 187 45.14 -21.87 33.45
C ALA A 187 45.11 -22.67 34.75
N VAL A 188 45.92 -22.26 35.71
CA VAL A 188 45.93 -22.90 37.02
C VAL A 188 45.08 -22.12 38.01
N ASN A 189 44.36 -22.84 38.86
CA ASN A 189 43.57 -22.17 39.89
C ASN A 189 44.31 -22.07 41.22
N LYS A 190 43.69 -21.38 42.17
CA LYS A 190 44.35 -21.06 43.43
C LYS A 190 44.68 -22.29 44.26
N GLY A 191 43.82 -23.31 44.19
CA GLY A 191 44.03 -24.55 44.93
C GLY A 191 45.29 -25.27 44.51
N GLN A 192 45.51 -25.34 43.20
CA GLN A 192 46.69 -25.98 42.64
C GLN A 192 47.97 -25.30 43.09
N MET A 193 47.87 -24.00 43.37
CA MET A 193 49.00 -23.22 43.87
C MET A 193 49.20 -23.46 45.37
N LYS A 194 48.07 -23.55 46.08
CA LYS A 194 48.09 -23.83 47.51
C LYS A 194 48.74 -25.18 47.79
N GLN A 195 48.57 -26.12 46.86
CA GLN A 195 49.23 -27.42 46.97
C GLN A 195 50.74 -27.29 47.12
N ILE A 196 51.34 -26.39 46.34
CA ILE A 196 52.76 -26.09 46.44
C ILE A 196 53.06 -25.33 47.72
N GLU A 197 52.18 -24.39 48.06
CA GLU A 197 52.31 -23.63 49.31
C GLU A 197 52.47 -24.54 50.54
N ASP A 198 51.74 -25.65 50.54
CA ASP A 198 51.88 -26.64 51.62
C ASP A 198 53.30 -27.19 51.71
N LYS A 199 53.88 -27.52 50.56
CA LYS A 199 55.25 -28.03 50.50
C LYS A 199 56.23 -26.97 50.99
N ILE A 200 55.95 -25.71 50.66
CA ILE A 200 56.74 -24.60 51.17
C ILE A 200 56.72 -24.59 52.70
N GLU A 201 55.53 -24.68 53.27
CA GLU A 201 55.38 -24.73 54.73
C GLU A 201 56.18 -25.88 55.35
N GLU A 202 56.06 -27.07 54.75
CA GLU A 202 56.78 -28.24 55.23
C GLU A 202 58.29 -28.03 55.18
N ILE A 203 58.76 -27.43 54.09
CA ILE A 203 60.18 -27.13 53.93
C ILE A 203 60.66 -26.16 55.01
N LEU A 204 59.86 -25.13 55.27
CA LEU A 204 60.22 -24.14 56.30
C LEU A 204 60.26 -24.76 57.70
N SER A 205 59.37 -25.72 57.96
CA SER A 205 59.38 -26.43 59.23
C SER A 205 60.63 -27.31 59.36
N LYS A 206 60.94 -28.04 58.29
CA LYS A 206 62.13 -28.88 58.26
C LYS A 206 63.39 -28.05 58.50
N ILE A 207 63.43 -26.87 57.89
CA ILE A 207 64.56 -25.96 58.06
C ILE A 207 64.62 -25.44 59.49
N TYR A 208 63.47 -25.06 60.04
CA TYR A 208 63.40 -24.59 61.43
C TYR A 208 63.98 -25.63 62.40
N HIS A 209 63.41 -26.83 62.36
CA HIS A 209 63.86 -27.91 63.25
C HIS A 209 65.33 -28.28 63.00
N ILE A 210 65.77 -28.17 61.75
CA ILE A 210 67.18 -28.41 61.43
C ILE A 210 68.07 -27.36 62.09
N GLU A 211 67.62 -26.10 62.09
CA GLU A 211 68.36 -25.02 62.72
C GLU A 211 68.45 -25.22 64.22
N ASN A 212 67.33 -25.59 64.83
CA ASN A 212 67.32 -25.83 66.27
C ASN A 212 68.20 -27.02 66.65
N GLU A 213 68.20 -28.04 65.80
CA GLU A 213 69.05 -29.20 66.01
C GLU A 213 70.52 -28.81 65.88
N ILE A 214 70.81 -27.89 64.96
CA ILE A 214 72.16 -27.36 64.77
C ILE A 214 72.63 -26.60 66.01
N ALA A 215 71.75 -25.76 66.55
CA ALA A 215 72.06 -25.03 67.77
C ALA A 215 72.31 -25.98 68.93
N ARG A 216 71.50 -27.04 69.00
CA ARG A 216 71.69 -28.09 70.00
C ARG A 216 73.08 -28.69 69.87
N ILE A 217 73.46 -29.01 68.64
CA ILE A 217 74.79 -29.55 68.34
C ILE A 217 75.88 -28.61 68.82
N LYS A 218 75.76 -27.33 68.47
CA LYS A 218 76.75 -26.32 68.86
C LYS A 218 76.89 -26.24 70.38
N LYS A 219 75.76 -26.21 71.08
CA LYS A 219 75.77 -26.18 72.55
C LYS A 219 76.48 -27.41 73.12
N LEU A 220 76.17 -28.58 72.56
CA LEU A 220 76.79 -29.82 73.00
C LEU A 220 78.30 -29.85 72.75
N ILE A 221 78.73 -29.23 71.65
CA ILE A 221 80.15 -29.14 71.34
C ILE A 221 80.84 -28.21 72.32
N LYS A 222 80.18 -27.09 72.63
CA LYS A 222 80.71 -26.16 73.61
C LYS A 222 80.87 -26.81 74.98
N LEU A 223 79.89 -27.63 75.37
CA LEU A 223 79.97 -28.35 76.63
C LEU A 223 81.03 -29.45 76.60
N HIS A 224 81.22 -30.04 75.41
CA HIS A 224 82.22 -31.09 75.24
C HIS A 224 83.63 -30.54 75.33
N HIS A 225 83.80 -29.29 74.88
CA HIS A 225 85.09 -28.62 74.93
C HIS A 225 85.41 -28.17 76.35
N HIS A 226 84.44 -27.50 76.98
CA HIS A 226 84.57 -27.02 78.35
C HIS A 226 85.79 -26.12 78.56
N ILE B 4 -84.22 42.10 -56.88
CA ILE B 4 -83.84 41.21 -57.97
C ILE B 4 -82.38 41.38 -58.34
N GLU B 5 -81.95 42.64 -58.47
CA GLU B 5 -80.57 42.96 -58.82
C GLU B 5 -79.73 43.17 -57.57
N ASP B 6 -80.36 43.74 -56.53
CA ASP B 6 -79.70 43.95 -55.26
C ASP B 6 -79.26 42.63 -54.67
N LYS B 7 -80.09 41.60 -54.85
CA LYS B 7 -79.79 40.26 -54.38
C LYS B 7 -78.56 39.71 -55.10
N ILE B 8 -78.46 40.00 -56.40
CA ILE B 8 -77.30 39.58 -57.18
C ILE B 8 -76.05 40.27 -56.66
N GLU B 9 -76.14 41.56 -56.39
CA GLU B 9 -75.02 42.29 -55.81
C GLU B 9 -74.58 41.68 -54.47
N GLU B 10 -75.55 41.30 -53.65
CA GLU B 10 -75.27 40.68 -52.35
C GLU B 10 -74.59 39.33 -52.50
N ILE B 11 -75.05 38.54 -53.47
CA ILE B 11 -74.43 37.25 -53.78
C ILE B 11 -72.99 37.44 -54.25
N LEU B 12 -72.78 38.43 -55.10
CA LEU B 12 -71.44 38.76 -55.61
C LEU B 12 -70.50 39.15 -54.49
N SER B 13 -70.97 39.98 -53.57
CA SER B 13 -70.16 40.35 -52.40
C SER B 13 -69.84 39.13 -51.53
N LYS B 14 -70.85 38.28 -51.33
CA LYS B 14 -70.69 37.04 -50.55
C LYS B 14 -69.58 36.18 -51.15
N ILE B 15 -69.63 35.99 -52.47
CA ILE B 15 -68.62 35.20 -53.17
C ILE B 15 -67.24 35.85 -53.09
N TYR B 16 -67.19 37.18 -53.19
CA TYR B 16 -65.93 37.91 -53.02
C TYR B 16 -65.28 37.58 -51.67
N HIS B 17 -66.07 37.73 -50.61
CA HIS B 17 -65.60 37.43 -49.26
C HIS B 17 -65.16 35.97 -49.11
N ILE B 18 -65.92 35.05 -49.70
CA ILE B 18 -65.56 33.64 -49.66
C ILE B 18 -64.22 33.37 -50.34
N GLU B 19 -63.99 34.02 -51.48
CA GLU B 19 -62.71 33.90 -52.17
C GLU B 19 -61.56 34.41 -51.31
N ASN B 20 -61.77 35.55 -50.64
CA ASN B 20 -60.78 36.03 -49.69
C ASN B 20 -60.48 35.03 -48.58
N GLU B 21 -61.54 34.42 -48.05
CA GLU B 21 -61.40 33.40 -47.01
C GLU B 21 -60.58 32.20 -47.49
N ILE B 22 -60.86 31.72 -48.69
CA ILE B 22 -60.10 30.63 -49.29
C ILE B 22 -58.61 30.98 -49.38
N ALA B 23 -58.31 32.18 -49.89
CA ALA B 23 -56.92 32.62 -49.98
C ALA B 23 -56.22 32.63 -48.61
N ARG B 24 -56.88 33.24 -47.63
CA ARG B 24 -56.35 33.30 -46.27
C ARG B 24 -56.06 31.90 -45.74
N ILE B 25 -57.02 31.00 -45.95
CA ILE B 25 -56.90 29.61 -45.53
C ILE B 25 -55.69 28.91 -46.13
N LYS B 26 -55.50 29.08 -47.44
CA LYS B 26 -54.34 28.52 -48.12
C LYS B 26 -53.04 29.02 -47.49
N LYS B 27 -52.98 30.33 -47.23
CA LYS B 27 -51.81 30.88 -46.52
C LYS B 27 -51.59 30.21 -45.15
N LEU B 28 -52.67 30.03 -44.39
CA LEU B 28 -52.57 29.38 -43.08
C LEU B 28 -52.03 27.95 -43.17
N ILE B 29 -52.56 27.17 -44.10
CA ILE B 29 -52.07 25.81 -44.34
C ILE B 29 -50.59 25.81 -44.64
N LYS B 30 -50.17 26.71 -45.52
CA LYS B 30 -48.76 26.88 -45.88
C LYS B 30 -47.88 27.15 -44.66
N ALA B 31 -48.33 28.08 -43.81
CA ALA B 31 -47.58 28.43 -42.60
C ALA B 31 -47.47 27.24 -41.65
N VAL B 32 -48.57 26.52 -41.45
CA VAL B 32 -48.56 25.35 -40.58
C VAL B 32 -47.59 24.29 -41.11
N GLY B 33 -47.59 24.11 -42.43
CA GLY B 33 -46.63 23.20 -43.06
C GLY B 33 -45.20 23.59 -42.75
N ASN B 34 -44.90 24.89 -42.86
CA ASN B 34 -43.57 25.37 -42.49
C ASN B 34 -43.22 25.06 -41.03
N GLN B 35 -44.18 25.29 -40.13
CA GLN B 35 -43.97 24.97 -38.72
C GLN B 35 -43.68 23.48 -38.51
N VAL B 36 -44.37 22.63 -39.27
CA VAL B 36 -44.12 21.20 -39.19
C VAL B 36 -42.68 20.88 -39.60
N VAL B 37 -42.24 21.43 -40.72
CA VAL B 37 -40.86 21.23 -41.17
C VAL B 37 -39.84 21.67 -40.13
N THR B 38 -40.05 22.86 -39.57
CA THR B 38 -39.18 23.35 -38.50
C THR B 38 -39.12 22.36 -37.33
N THR B 39 -40.29 21.84 -36.94
CA THR B 39 -40.33 20.89 -35.84
C THR B 39 -39.55 19.63 -36.13
N GLN B 40 -39.79 19.02 -37.29
CA GLN B 40 -39.12 17.76 -37.65
C GLN B 40 -37.62 17.91 -37.79
N THR B 41 -37.20 18.98 -38.46
CA THR B 41 -35.78 19.24 -38.68
C THR B 41 -35.07 19.54 -37.36
N THR B 42 -35.71 20.31 -36.50
CA THR B 42 -35.14 20.59 -35.19
C THR B 42 -35.02 19.29 -34.39
N LEU B 43 -36.07 18.47 -34.45
CA LEU B 43 -36.08 17.16 -33.81
C LEU B 43 -34.87 16.33 -34.22
N VAL B 44 -34.73 16.10 -35.53
CA VAL B 44 -33.66 15.28 -36.06
C VAL B 44 -32.26 15.83 -35.77
N ASN B 45 -32.08 17.13 -36.01
CA ASN B 45 -30.80 17.79 -35.73
C ASN B 45 -30.41 17.69 -34.25
N SER B 46 -31.39 17.82 -33.37
CA SER B 46 -31.12 17.79 -31.93
C SER B 46 -30.85 16.37 -31.42
N LEU B 47 -31.45 15.38 -32.06
CA LEU B 47 -31.24 13.99 -31.67
C LEU B 47 -29.88 13.47 -32.09
N GLY B 48 -29.42 13.89 -33.27
CA GLY B 48 -28.17 13.41 -33.83
C GLY B 48 -28.26 11.92 -34.11
N GLY B 49 -27.15 11.22 -33.90
CA GLY B 49 -27.09 9.78 -34.13
C GLY B 49 -27.53 9.37 -35.53
N ASN B 50 -27.18 10.18 -36.53
CA ASN B 50 -27.48 9.89 -37.93
C ASN B 50 -28.97 9.87 -38.28
N ALA B 51 -29.80 10.43 -37.41
CA ALA B 51 -31.22 10.59 -37.73
C ALA B 51 -31.36 11.56 -38.91
N LYS B 52 -32.39 11.38 -39.73
CA LYS B 52 -32.60 12.27 -40.88
C LYS B 52 -34.05 12.29 -41.34
N VAL B 53 -34.50 13.45 -41.80
CA VAL B 53 -35.81 13.59 -42.43
C VAL B 53 -35.65 13.32 -43.91
N ASN B 54 -36.34 12.31 -44.42
CA ASN B 54 -36.18 11.89 -45.80
C ASN B 54 -37.11 12.65 -46.73
N ALA B 55 -36.73 12.69 -48.01
CA ALA B 55 -37.50 13.40 -49.03
C ALA B 55 -38.98 13.04 -49.01
N ASP B 56 -39.27 11.76 -48.82
CA ASP B 56 -40.65 11.27 -48.84
C ASP B 56 -41.44 11.63 -47.58
N GLY B 57 -40.83 12.43 -46.70
CA GLY B 57 -41.50 12.89 -45.50
C GLY B 57 -41.28 11.97 -44.31
N THR B 58 -40.89 10.73 -44.58
CA THR B 58 -40.57 9.80 -43.50
C THR B 58 -39.31 10.26 -42.77
N ILE B 59 -39.12 9.74 -41.55
CA ILE B 59 -37.97 10.11 -40.74
C ILE B 59 -37.21 8.88 -40.25
N THR B 60 -35.92 8.83 -40.55
CA THR B 60 -35.07 7.77 -40.04
C THR B 60 -34.58 8.17 -38.65
N GLY B 61 -34.88 7.33 -37.65
CA GLY B 61 -34.59 7.64 -36.27
C GLY B 61 -33.10 7.63 -35.97
N PRO B 62 -32.73 7.99 -34.72
CA PRO B 62 -31.31 7.99 -34.35
C PRO B 62 -30.85 6.58 -34.03
N THR B 63 -29.56 6.34 -34.25
CA THR B 63 -28.93 5.10 -33.80
C THR B 63 -27.72 5.50 -32.97
N TYR B 64 -27.73 5.12 -31.70
CA TYR B 64 -26.63 5.44 -30.79
C TYR B 64 -25.76 4.22 -30.56
N ASN B 65 -24.51 4.45 -30.18
CA ASN B 65 -23.54 3.36 -30.07
C ASN B 65 -22.73 3.40 -28.78
N VAL B 66 -23.40 3.49 -27.65
CA VAL B 66 -22.70 3.59 -26.37
C VAL B 66 -22.60 2.25 -25.65
N ALA B 67 -21.55 2.09 -24.85
CA ALA B 67 -21.34 0.89 -24.03
C ALA B 67 -21.38 -0.42 -24.81
N GLN B 68 -20.61 -0.49 -25.89
CA GLN B 68 -20.48 -1.71 -26.70
C GLN B 68 -21.79 -2.25 -27.28
N GLY B 69 -22.81 -1.39 -27.35
CA GLY B 69 -24.09 -1.80 -27.90
C GLY B 69 -24.64 -0.73 -28.83
N ASN B 70 -25.78 -1.04 -29.46
CA ASN B 70 -26.49 -0.05 -30.28
C ASN B 70 -27.89 0.19 -29.73
N GLN B 71 -28.30 1.45 -29.68
CA GLN B 71 -29.59 1.84 -29.11
C GLN B 71 -30.40 2.70 -30.07
N THR B 72 -31.71 2.49 -30.09
CA THR B 72 -32.59 3.19 -31.02
C THR B 72 -33.34 4.36 -30.39
N ASN B 73 -33.06 4.65 -29.12
CA ASN B 73 -33.69 5.77 -28.45
C ASN B 73 -32.83 6.33 -27.32
N VAL B 74 -33.14 7.55 -26.88
CA VAL B 74 -32.30 8.23 -25.88
C VAL B 74 -32.27 7.49 -24.52
N GLY B 75 -33.44 7.04 -24.07
CA GLY B 75 -33.55 6.39 -22.78
C GLY B 75 -32.66 5.15 -22.62
N ASP B 76 -32.68 4.29 -23.63
CA ASP B 76 -31.84 3.09 -23.62
C ASP B 76 -30.35 3.45 -23.55
N ALA B 77 -29.96 4.49 -24.27
CA ALA B 77 -28.57 4.97 -24.24
C ALA B 77 -28.16 5.47 -22.85
N LEU B 78 -29.02 6.31 -22.26
CA LEU B 78 -28.76 6.84 -20.93
C LEU B 78 -28.61 5.71 -19.92
N THR B 79 -29.50 4.73 -20.00
CA THR B 79 -29.44 3.58 -19.10
C THR B 79 -28.15 2.76 -19.26
N ALA B 80 -27.79 2.50 -20.50
CA ALA B 80 -26.56 1.78 -20.80
C ALA B 80 -25.34 2.49 -20.21
N LEU B 81 -25.29 3.81 -20.40
CA LEU B 81 -24.21 4.60 -19.84
C LEU B 81 -24.19 4.54 -18.32
N ASP B 82 -25.37 4.64 -17.71
CA ASP B 82 -25.50 4.55 -16.26
C ASP B 82 -24.88 3.26 -15.72
N ASN B 83 -25.29 2.13 -16.31
CA ASN B 83 -24.74 0.83 -15.92
C ASN B 83 -23.22 0.73 -16.16
N ALA B 84 -22.76 1.27 -17.27
CA ALA B 84 -21.32 1.28 -17.58
C ALA B 84 -20.53 2.03 -16.51
N ILE B 85 -21.06 3.18 -16.10
CA ILE B 85 -20.44 3.97 -15.03
C ILE B 85 -20.36 3.16 -13.74
N ASN B 86 -21.49 2.57 -13.36
CA ASN B 86 -21.49 1.76 -12.13
C ASN B 86 -20.48 0.61 -12.14
N THR B 87 -20.41 -0.11 -13.26
CA THR B 87 -19.47 -1.22 -13.37
C THR B 87 -18.01 -0.74 -13.30
N ALA B 88 -17.71 0.30 -14.08
CA ALA B 88 -16.37 0.87 -14.10
C ALA B 88 -15.94 1.34 -12.72
N ALA B 89 -16.85 2.02 -12.03
CA ALA B 89 -16.62 2.48 -10.66
C ALA B 89 -16.28 1.32 -9.73
N THR B 90 -17.02 0.22 -9.88
CA THR B 90 -16.77 -0.95 -9.04
C THR B 90 -15.40 -1.58 -9.29
N THR B 91 -15.11 -1.92 -10.54
CA THR B 91 -13.90 -2.66 -10.83
C THR B 91 -12.62 -1.82 -10.77
N SER B 92 -12.76 -0.50 -10.87
CA SER B 92 -11.58 0.36 -10.83
C SER B 92 -11.04 0.64 -9.42
N LYS B 93 -11.86 0.38 -8.41
CA LYS B 93 -11.49 0.71 -7.04
C LYS B 93 -10.61 -0.36 -6.41
N SER B 94 -9.30 -0.16 -6.45
CA SER B 94 -8.34 -1.14 -5.97
C SER B 94 -8.25 -1.16 -4.44
N THR B 95 -7.96 -2.31 -3.87
CA THR B 95 -7.80 -2.42 -2.42
C THR B 95 -6.40 -2.93 -2.05
N VAL B 96 -6.01 -2.71 -0.80
CA VAL B 96 -4.73 -3.17 -0.29
C VAL B 96 -4.94 -3.90 1.04
N SER B 97 -4.28 -5.05 1.21
CA SER B 97 -4.40 -5.82 2.45
C SER B 97 -3.02 -6.17 2.98
N ASN B 98 -2.98 -6.65 4.22
CA ASN B 98 -1.71 -6.99 4.85
C ASN B 98 -1.42 -8.48 4.86
N GLY B 99 -0.15 -8.82 4.65
CA GLY B 99 0.34 -10.18 4.79
C GLY B 99 1.37 -10.19 5.89
N GLN B 100 2.23 -11.21 5.91
CA GLN B 100 3.23 -11.37 6.96
C GLN B 100 4.05 -10.11 7.20
N ASN B 101 4.20 -9.76 8.48
CA ASN B 101 5.04 -8.63 8.91
C ASN B 101 4.57 -7.25 8.50
N ILE B 102 3.37 -7.17 7.93
CA ILE B 102 2.84 -5.90 7.43
C ILE B 102 1.53 -5.55 8.13
N VAL B 103 1.30 -4.25 8.35
CA VAL B 103 0.03 -3.74 8.84
C VAL B 103 -0.51 -2.68 7.87
N VAL B 104 -1.76 -2.81 7.45
CA VAL B 104 -2.36 -1.84 6.55
C VAL B 104 -3.57 -1.12 7.17
N SER B 105 -3.52 0.20 7.19
CA SER B 105 -4.60 1.01 7.74
C SER B 105 -5.34 1.78 6.65
N LYS B 106 -6.64 1.47 6.49
CA LYS B 106 -7.45 2.11 5.45
C LYS B 106 -8.19 3.32 6.01
N SER B 107 -8.11 4.43 5.27
CA SER B 107 -8.81 5.66 5.66
C SER B 107 -9.41 6.34 4.42
N LYS B 108 -10.20 7.38 4.63
CA LYS B 108 -10.79 8.10 3.51
C LYS B 108 -9.98 9.36 3.19
N ASN B 109 -9.65 9.53 1.91
CA ASN B 109 -8.98 10.74 1.46
C ASN B 109 -9.93 11.93 1.50
N ALA B 110 -9.41 13.11 1.17
CA ALA B 110 -10.23 14.32 1.15
C ALA B 110 -11.32 14.21 0.10
N ASP B 111 -10.93 13.85 -1.12
CA ASP B 111 -11.87 13.78 -2.24
C ASP B 111 -12.79 12.57 -2.17
N GLY B 112 -12.61 11.74 -1.15
CA GLY B 112 -13.51 10.63 -0.91
C GLY B 112 -12.97 9.26 -1.30
N SER B 113 -11.81 9.23 -1.95
CA SER B 113 -11.18 7.96 -2.31
C SER B 113 -10.60 7.30 -1.06
N ASP B 114 -10.15 6.06 -1.22
CA ASP B 114 -9.53 5.34 -0.10
C ASP B 114 -8.01 5.44 -0.14
N ASN B 115 -7.40 5.61 1.03
CA ASN B 115 -5.95 5.53 1.18
C ASN B 115 -5.59 4.36 2.08
N TYR B 116 -4.58 3.60 1.66
CA TYR B 116 -4.07 2.48 2.44
C TYR B 116 -2.67 2.80 2.92
N GLU B 117 -2.50 2.89 4.22
CA GLU B 117 -1.18 3.18 4.79
C GLU B 117 -0.49 1.88 5.18
N VAL B 118 0.69 1.66 4.62
CA VAL B 118 1.42 0.42 4.82
C VAL B 118 2.56 0.63 5.79
N SER B 119 2.57 -0.19 6.85
CA SER B 119 3.62 -0.18 7.85
C SER B 119 4.12 -1.60 8.04
N THR B 120 5.24 -1.77 8.74
CA THR B 120 5.62 -3.10 9.16
C THR B 120 4.96 -3.37 10.50
N ALA B 121 4.81 -4.64 10.85
CA ALA B 121 4.41 -5.03 12.19
C ALA B 121 5.53 -4.61 13.15
N LYS B 122 5.22 -4.51 14.43
CA LYS B 122 6.21 -4.11 15.42
C LYS B 122 7.11 -5.28 15.79
N ASP B 123 6.61 -6.50 15.55
CA ASP B 123 7.38 -7.71 15.79
C ASP B 123 7.53 -8.46 14.48
N LEU B 124 8.76 -8.62 14.03
CA LEU B 124 9.02 -9.25 12.73
C LEU B 124 9.41 -10.70 12.88
N THR B 125 8.88 -11.54 12.00
CA THR B 125 9.26 -12.94 11.94
C THR B 125 9.84 -13.22 10.56
N VAL B 126 11.14 -13.48 10.50
CA VAL B 126 11.82 -13.65 9.23
C VAL B 126 12.73 -14.86 9.25
N ASP B 127 13.30 -15.20 8.09
CA ASP B 127 14.32 -16.23 8.03
C ASP B 127 15.68 -15.62 8.35
N SER B 128 15.94 -14.42 7.83
CA SER B 128 17.20 -13.74 8.08
C SER B 128 17.11 -12.22 7.94
N VAL B 129 18.04 -11.53 8.59
CA VAL B 129 18.20 -10.09 8.42
C VAL B 129 19.68 -9.80 8.18
N LYS B 130 20.00 -9.19 7.04
CA LYS B 130 21.39 -8.89 6.73
C LYS B 130 21.63 -7.39 6.70
N ALA B 131 22.63 -6.96 7.46
CA ALA B 131 23.03 -5.56 7.47
C ALA B 131 24.53 -5.50 7.28
N GLY B 132 24.96 -5.35 6.03
CA GLY B 132 26.38 -5.37 5.71
C GLY B 132 26.98 -6.74 5.99
N ASP B 133 28.04 -6.75 6.79
CA ASP B 133 28.76 -7.98 7.12
C ASP B 133 28.13 -8.75 8.26
N THR B 134 27.06 -8.21 8.84
CA THR B 134 26.43 -8.84 9.98
C THR B 134 25.09 -9.50 9.60
N VAL B 135 24.97 -10.78 9.96
CA VAL B 135 23.79 -11.57 9.61
C VAL B 135 23.10 -12.12 10.84
N LEU B 136 21.79 -11.91 10.90
CA LEU B 136 20.94 -12.48 11.94
C LEU B 136 20.10 -13.59 11.34
N ASN B 137 20.23 -14.80 11.86
CA ASN B 137 19.40 -15.91 11.39
C ASN B 137 19.20 -16.96 12.47
N ASN B 138 18.61 -18.09 12.09
CA ASN B 138 18.35 -19.17 13.04
C ASN B 138 19.58 -19.57 13.86
N ALA B 139 20.74 -19.63 13.21
CA ALA B 139 21.99 -20.02 13.85
C ALA B 139 22.46 -19.00 14.90
N GLY B 140 22.04 -17.76 14.75
CA GLY B 140 22.43 -16.70 15.66
C GLY B 140 22.91 -15.46 14.93
N ILE B 141 24.06 -14.94 15.36
CA ILE B 141 24.66 -13.75 14.76
C ILE B 141 26.00 -14.12 14.13
N THR B 142 26.21 -13.70 12.88
CA THR B 142 27.49 -13.96 12.23
C THR B 142 28.05 -12.67 11.63
N ILE B 143 29.25 -12.29 12.04
CA ILE B 143 29.85 -11.07 11.53
C ILE B 143 31.02 -11.38 10.60
N GLY B 144 30.95 -10.85 9.37
CA GLY B 144 31.97 -11.08 8.37
C GLY B 144 31.94 -12.50 7.85
N ASN B 145 33.03 -12.92 7.22
CA ASN B 145 33.16 -14.31 6.77
C ASN B 145 33.50 -15.22 7.94
N ASN B 146 32.54 -15.37 8.86
CA ASN B 146 32.74 -16.15 10.09
C ASN B 146 33.92 -15.67 10.94
N ALA B 147 34.21 -14.37 10.87
CA ALA B 147 35.24 -13.78 11.70
C ALA B 147 34.85 -13.89 13.16
N VAL B 148 33.64 -13.42 13.47
CA VAL B 148 33.06 -13.53 14.80
C VAL B 148 31.68 -14.20 14.69
N VAL B 149 31.46 -15.23 15.50
CA VAL B 149 30.23 -16.00 15.42
C VAL B 149 29.62 -16.22 16.79
N LEU B 150 28.34 -15.86 16.92
CA LEU B 150 27.60 -16.15 18.14
C LEU B 150 26.46 -17.11 17.82
N ASN B 151 26.57 -18.34 18.32
CA ASN B 151 25.56 -19.37 18.08
C ASN B 151 25.07 -20.02 19.38
N ASN B 152 24.32 -21.11 19.26
CA ASN B 152 23.76 -21.77 20.44
C ASN B 152 24.80 -22.45 21.34
N THR B 153 26.06 -22.46 20.90
CA THR B 153 27.15 -22.98 21.74
C THR B 153 27.91 -21.85 22.42
N GLY B 154 27.86 -20.65 21.84
CA GLY B 154 28.54 -19.51 22.43
C GLY B 154 29.20 -18.57 21.44
N LEU B 155 30.39 -18.09 21.80
CA LEU B 155 31.12 -17.10 21.02
C LEU B 155 32.42 -17.65 20.47
N THR B 156 32.59 -17.56 19.15
CA THR B 156 33.82 -18.03 18.52
C THR B 156 34.43 -16.94 17.65
N ILE B 157 35.71 -16.66 17.88
CA ILE B 157 36.44 -15.70 17.07
C ILE B 157 37.48 -16.41 16.21
N SER B 158 37.34 -16.29 14.90
CA SER B 158 38.27 -16.93 13.98
C SER B 158 39.70 -16.44 14.17
N GLY B 159 40.63 -17.38 14.37
CA GLY B 159 42.02 -17.04 14.62
C GLY B 159 42.19 -16.31 15.94
N GLY B 160 41.21 -16.51 16.83
CA GLY B 160 41.22 -15.86 18.12
C GLY B 160 40.63 -16.78 19.18
N PRO B 161 40.36 -16.23 20.37
CA PRO B 161 39.82 -17.00 21.49
C PRO B 161 38.34 -17.37 21.27
N SER B 162 37.81 -18.21 22.14
CA SER B 162 36.40 -18.60 22.07
C SER B 162 35.86 -18.91 23.45
N VAL B 163 34.62 -18.53 23.70
CA VAL B 163 33.92 -18.86 24.93
C VAL B 163 32.68 -19.66 24.58
N THR B 164 32.77 -20.99 24.67
CA THR B 164 31.65 -21.85 24.29
C THR B 164 31.29 -22.83 25.41
N LEU B 165 30.29 -23.66 25.18
CA LEU B 165 29.83 -24.64 26.16
C LEU B 165 30.95 -25.59 26.59
N ALA B 166 31.89 -25.86 25.67
CA ALA B 166 33.02 -26.72 25.95
C ALA B 166 34.04 -26.04 26.88
N GLY B 167 33.93 -24.73 26.99
CA GLY B 167 34.80 -23.98 27.88
C GLY B 167 35.43 -22.76 27.24
N ILE B 168 36.49 -22.24 27.87
CA ILE B 168 37.17 -21.05 27.38
C ILE B 168 38.51 -21.39 26.75
N ASP B 169 38.70 -20.91 25.53
CA ASP B 169 39.95 -21.06 24.78
C ASP B 169 40.55 -19.67 24.64
N ALA B 170 41.75 -19.49 25.19
CA ALA B 170 42.40 -18.19 25.20
C ALA B 170 43.13 -17.89 23.89
N GLY B 171 43.12 -18.86 22.97
CA GLY B 171 43.68 -18.69 21.66
C GLY B 171 45.17 -18.40 21.61
N ASN B 172 45.93 -19.11 22.44
CA ASN B 172 47.38 -18.92 22.52
C ASN B 172 47.79 -17.48 22.71
N LYS B 173 47.07 -16.79 23.58
CA LYS B 173 47.40 -15.41 23.94
C LYS B 173 47.26 -15.24 25.44
N THR B 174 47.90 -14.20 25.98
CA THR B 174 47.85 -13.96 27.41
C THR B 174 46.46 -13.50 27.82
N ILE B 175 46.10 -13.81 29.06
CA ILE B 175 44.86 -13.32 29.64
C ILE B 175 45.22 -12.16 30.55
N GLN B 176 44.82 -10.95 30.16
CA GLN B 176 45.28 -9.75 30.84
C GLN B 176 44.31 -9.25 31.90
N ASN B 177 44.84 -8.46 32.84
CA ASN B 177 44.03 -7.78 33.84
C ASN B 177 43.22 -8.74 34.69
N VAL B 178 43.88 -9.80 35.15
CA VAL B 178 43.28 -10.78 36.05
C VAL B 178 43.54 -10.35 37.48
N ALA B 179 42.49 -10.10 38.24
CA ALA B 179 42.63 -9.77 39.66
C ALA B 179 43.14 -10.98 40.41
N ASN B 180 43.73 -10.75 41.57
CA ASN B 180 44.27 -11.84 42.39
C ASN B 180 43.20 -12.84 42.79
N ALA B 181 43.54 -14.12 42.65
CA ALA B 181 42.64 -15.20 43.05
C ALA B 181 42.25 -15.09 44.51
N VAL B 182 40.99 -15.37 44.81
CA VAL B 182 40.51 -15.39 46.18
C VAL B 182 40.06 -16.78 46.58
N ASN B 183 39.14 -17.34 45.80
CA ASN B 183 38.64 -18.69 46.05
C ASN B 183 39.57 -19.74 45.44
N ALA B 184 39.36 -20.99 45.81
CA ALA B 184 40.19 -22.10 45.32
C ALA B 184 40.12 -22.26 43.80
N THR B 185 38.96 -21.97 43.23
CA THR B 185 38.73 -22.18 41.80
C THR B 185 38.99 -20.93 40.95
N ASP B 186 39.42 -19.84 41.59
CA ASP B 186 39.80 -18.63 40.87
C ASP B 186 41.15 -18.83 40.19
N ALA B 187 41.33 -18.15 39.06
CA ALA B 187 42.60 -18.21 38.34
C ALA B 187 43.66 -17.39 39.06
N VAL B 188 44.91 -17.82 38.95
CA VAL B 188 46.00 -17.08 39.58
C VAL B 188 46.78 -16.26 38.57
N ASN B 189 47.25 -15.09 38.99
CA ASN B 189 48.07 -14.26 38.12
C ASN B 189 49.57 -14.39 38.41
N LYS B 190 50.39 -13.69 37.63
CA LYS B 190 51.84 -13.83 37.71
C LYS B 190 52.42 -13.34 39.04
N GLY B 191 51.87 -12.26 39.58
CA GLY B 191 52.36 -11.72 40.84
C GLY B 191 52.24 -12.70 41.99
N GLN B 192 51.11 -13.38 42.04
CA GLN B 192 50.86 -14.40 43.06
C GLN B 192 51.86 -15.55 42.96
N MET B 193 52.41 -15.73 41.77
CA MET B 193 53.47 -16.72 41.55
C MET B 193 54.82 -16.14 41.98
N LYS B 194 54.99 -14.85 41.74
CA LYS B 194 56.22 -14.14 42.07
C LYS B 194 56.48 -14.13 43.56
N GLN B 195 55.41 -14.02 44.35
CA GLN B 195 55.55 -14.12 45.81
C GLN B 195 56.19 -15.45 46.22
N ILE B 196 55.65 -16.54 45.66
CA ILE B 196 56.17 -17.87 45.93
C ILE B 196 57.62 -18.02 45.47
N GLU B 197 57.93 -17.46 44.31
CA GLU B 197 59.31 -17.46 43.82
C GLU B 197 60.25 -16.77 44.80
N ASP B 198 59.81 -15.64 45.35
CA ASP B 198 60.59 -14.93 46.36
C ASP B 198 60.78 -15.80 47.61
N LYS B 199 59.72 -16.52 47.98
CA LYS B 199 59.79 -17.44 49.11
C LYS B 199 60.88 -18.49 48.91
N ILE B 200 60.84 -19.17 47.76
CA ILE B 200 61.85 -20.17 47.43
C ILE B 200 63.25 -19.58 47.38
N GLU B 201 63.37 -18.34 46.89
CA GLU B 201 64.65 -17.64 46.91
C GLU B 201 65.18 -17.52 48.34
N GLU B 202 64.30 -17.11 49.25
CA GLU B 202 64.64 -17.01 50.67
C GLU B 202 65.07 -18.36 51.23
N ILE B 203 64.38 -19.42 50.79
CA ILE B 203 64.70 -20.78 51.23
C ILE B 203 66.10 -21.19 50.76
N LEU B 204 66.44 -20.85 49.52
CA LEU B 204 67.73 -21.18 48.95
C LEU B 204 68.85 -20.41 49.65
N SER B 205 68.57 -19.16 50.01
CA SER B 205 69.52 -18.36 50.78
C SER B 205 69.70 -18.96 52.17
N LYS B 206 68.63 -19.51 52.72
CA LYS B 206 68.68 -20.15 54.04
C LYS B 206 69.52 -21.42 53.99
N ILE B 207 69.36 -22.20 52.93
CA ILE B 207 70.12 -23.43 52.75
C ILE B 207 71.61 -23.12 52.54
N TYR B 208 71.88 -22.12 51.70
CA TYR B 208 73.25 -21.71 51.43
C TYR B 208 73.96 -21.24 52.69
N HIS B 209 73.22 -20.57 53.56
CA HIS B 209 73.76 -20.09 54.83
C HIS B 209 73.91 -21.24 55.82
N ILE B 210 73.34 -22.39 55.47
CA ILE B 210 73.42 -23.58 56.31
C ILE B 210 74.38 -24.60 55.71
N LYS C 2 -81.64 39.05 -69.62
CA LYS C 2 -80.56 38.22 -70.15
C LYS C 2 -79.27 38.46 -69.38
N GLN C 3 -79.01 39.73 -69.04
CA GLN C 3 -77.83 40.08 -68.26
C GLN C 3 -77.92 39.40 -66.89
N ILE C 4 -79.12 39.33 -66.35
CA ILE C 4 -79.36 38.65 -65.08
C ILE C 4 -79.04 37.16 -65.18
N GLU C 5 -79.57 36.50 -66.21
CA GLU C 5 -79.32 35.08 -66.42
C GLU C 5 -77.83 34.76 -66.58
N ASP C 6 -77.11 35.68 -67.21
CA ASP C 6 -75.68 35.50 -67.45
C ASP C 6 -74.89 35.72 -66.17
N LYS C 7 -75.27 36.71 -65.39
CA LYS C 7 -74.63 36.91 -64.09
C LYS C 7 -74.89 35.70 -63.21
N ILE C 8 -76.06 35.10 -63.38
CA ILE C 8 -76.44 33.88 -62.67
C ILE C 8 -75.52 32.71 -63.02
N GLU C 9 -75.37 32.44 -64.32
CA GLU C 9 -74.49 31.37 -64.75
C GLU C 9 -73.04 31.60 -64.33
N GLU C 10 -72.62 32.86 -64.40
CA GLU C 10 -71.29 33.26 -63.95
C GLU C 10 -71.10 32.90 -62.48
N ILE C 11 -72.09 33.26 -61.67
CA ILE C 11 -72.08 32.96 -60.25
C ILE C 11 -72.00 31.45 -60.00
N LEU C 12 -72.80 30.68 -60.72
CA LEU C 12 -72.77 29.22 -60.59
C LEU C 12 -71.40 28.63 -60.92
N SER C 13 -70.77 29.16 -61.98
CA SER C 13 -69.44 28.72 -62.36
C SER C 13 -68.43 29.00 -61.25
N LYS C 14 -68.46 30.23 -60.74
CA LYS C 14 -67.61 30.60 -59.61
C LYS C 14 -67.81 29.64 -58.44
N ILE C 15 -69.06 29.35 -58.12
CA ILE C 15 -69.37 28.44 -57.01
C ILE C 15 -68.79 27.03 -57.23
N TYR C 16 -68.91 26.55 -58.47
CA TYR C 16 -68.32 25.26 -58.84
C TYR C 16 -66.82 25.22 -58.55
N HIS C 17 -66.10 26.20 -59.08
CA HIS C 17 -64.65 26.25 -58.84
C HIS C 17 -64.32 26.37 -57.34
N ILE C 18 -65.12 27.15 -56.62
CA ILE C 18 -64.93 27.28 -55.18
C ILE C 18 -65.05 25.92 -54.46
N GLU C 19 -66.09 25.16 -54.81
CA GLU C 19 -66.27 23.83 -54.25
C GLU C 19 -65.05 22.94 -54.52
N ASN C 20 -64.55 23.01 -55.76
CA ASN C 20 -63.32 22.29 -56.10
C ASN C 20 -62.14 22.66 -55.17
N GLU C 21 -61.97 23.96 -54.96
CA GLU C 21 -60.95 24.46 -54.04
C GLU C 21 -61.11 23.93 -52.62
N ILE C 22 -62.36 23.85 -52.16
CA ILE C 22 -62.67 23.26 -50.87
C ILE C 22 -62.13 21.84 -50.77
N ALA C 23 -62.52 21.02 -51.74
CA ALA C 23 -62.05 19.63 -51.78
C ALA C 23 -60.52 19.52 -51.69
N ARG C 24 -59.84 20.26 -52.58
CA ARG C 24 -58.38 20.24 -52.61
C ARG C 24 -57.78 20.63 -51.26
N ILE C 25 -58.33 21.69 -50.67
CA ILE C 25 -57.88 22.16 -49.36
C ILE C 25 -58.03 21.09 -48.27
N LYS C 26 -59.15 20.36 -48.31
CA LYS C 26 -59.35 19.24 -47.39
C LYS C 26 -58.25 18.19 -47.53
N LYS C 27 -57.94 17.81 -48.76
CA LYS C 27 -56.85 16.85 -48.99
C LYS C 27 -55.50 17.35 -48.45
N LEU C 28 -55.22 18.64 -48.67
CA LEU C 28 -53.97 19.23 -48.18
C LEU C 28 -53.87 19.19 -46.66
N ILE C 29 -54.94 19.58 -45.98
CA ILE C 29 -54.99 19.52 -44.52
C ILE C 29 -54.75 18.09 -44.04
N LYS C 30 -55.40 17.13 -44.70
CA LYS C 30 -55.16 15.71 -44.40
C LYS C 30 -53.68 15.35 -44.47
N ALA C 31 -53.04 15.75 -45.57
CA ALA C 31 -51.61 15.49 -45.74
C ALA C 31 -50.78 16.05 -44.57
N VAL C 32 -51.07 17.30 -44.22
CA VAL C 32 -50.42 17.94 -43.09
C VAL C 32 -50.63 17.14 -41.80
N GLY C 33 -51.85 16.63 -41.61
CA GLY C 33 -52.15 15.78 -40.47
C GLY C 33 -51.24 14.55 -40.41
N ASN C 34 -51.11 13.88 -41.55
CA ASN C 34 -50.23 12.72 -41.65
C ASN C 34 -48.80 13.06 -41.23
N GLN C 35 -48.31 14.20 -41.73
CA GLN C 35 -46.97 14.64 -41.40
C GLN C 35 -46.83 14.92 -39.89
N VAL C 36 -47.86 15.49 -39.28
CA VAL C 36 -47.85 15.73 -37.83
C VAL C 36 -47.74 14.40 -37.07
N VAL C 37 -48.42 13.37 -37.57
CA VAL C 37 -48.33 12.05 -36.95
C VAL C 37 -46.90 11.52 -37.04
N THR C 38 -46.33 11.53 -38.23
CA THR C 38 -44.92 11.17 -38.41
C THR C 38 -44.03 11.89 -37.39
N THR C 39 -44.30 13.18 -37.19
CA THR C 39 -43.49 13.99 -36.26
C THR C 39 -43.61 13.54 -34.79
N GLN C 40 -44.83 13.52 -34.27
CA GLN C 40 -45.04 13.17 -32.86
C GLN C 40 -44.59 11.74 -32.57
N THR C 41 -44.94 10.83 -33.49
CA THR C 41 -44.54 9.44 -33.39
C THR C 41 -43.02 9.29 -33.32
N THR C 42 -42.33 9.96 -34.24
CA THR C 42 -40.86 9.90 -34.25
C THR C 42 -40.26 10.49 -32.97
N LEU C 43 -40.80 11.61 -32.51
CA LEU C 43 -40.33 12.24 -31.28
C LEU C 43 -40.41 11.27 -30.11
N VAL C 44 -41.62 10.76 -29.89
CA VAL C 44 -41.88 9.83 -28.81
C VAL C 44 -41.01 8.58 -28.87
N ASN C 45 -40.88 8.01 -30.07
CA ASN C 45 -40.09 6.79 -30.21
C ASN C 45 -38.61 7.03 -30.00
N SER C 46 -38.15 8.23 -30.35
CA SER C 46 -36.75 8.57 -30.27
C SER C 46 -36.31 8.96 -28.86
N LEU C 47 -37.21 9.55 -28.09
CA LEU C 47 -36.86 9.94 -26.72
C LEU C 47 -36.83 8.74 -25.77
N GLY C 48 -37.78 7.83 -25.93
CA GLY C 48 -37.93 6.74 -25.00
C GLY C 48 -38.41 7.29 -23.67
N GLY C 49 -37.93 6.72 -22.59
CA GLY C 49 -38.32 7.16 -21.25
C GLY C 49 -39.83 7.09 -21.02
N ASN C 50 -40.48 6.15 -21.72
CA ASN C 50 -41.93 5.95 -21.66
C ASN C 50 -42.74 7.09 -22.28
N ALA C 51 -42.13 7.81 -23.22
CA ALA C 51 -42.85 8.83 -23.97
C ALA C 51 -43.94 8.17 -24.80
N LYS C 52 -45.04 8.88 -25.02
CA LYS C 52 -46.17 8.29 -25.73
C LYS C 52 -47.03 9.37 -26.39
N VAL C 53 -47.41 9.12 -27.65
CA VAL C 53 -48.40 9.95 -28.32
C VAL C 53 -49.77 9.47 -27.89
N ASN C 54 -50.55 10.37 -27.31
CA ASN C 54 -51.90 10.03 -26.88
C ASN C 54 -52.88 10.06 -28.04
N ALA C 55 -53.88 9.18 -27.99
CA ALA C 55 -54.90 9.13 -29.04
C ALA C 55 -55.66 10.44 -29.13
N ASP C 56 -55.67 11.18 -28.03
CA ASP C 56 -56.37 12.46 -27.95
C ASP C 56 -55.50 13.64 -28.39
N GLY C 57 -54.49 13.36 -29.21
CA GLY C 57 -53.72 14.40 -29.85
C GLY C 57 -52.43 14.84 -29.19
N THR C 58 -52.41 14.84 -27.86
CA THR C 58 -51.27 15.36 -27.11
C THR C 58 -50.13 14.35 -26.93
N ILE C 59 -49.03 14.82 -26.35
CA ILE C 59 -47.86 13.98 -26.10
C ILE C 59 -47.49 14.00 -24.63
N THR C 60 -47.17 12.82 -24.09
CA THR C 60 -46.63 12.71 -22.75
C THR C 60 -45.11 12.50 -22.83
N GLY C 61 -44.36 13.39 -22.18
CA GLY C 61 -42.91 13.42 -22.31
C GLY C 61 -42.19 12.24 -21.70
N PRO C 62 -40.85 12.25 -21.76
CA PRO C 62 -40.05 11.15 -21.20
C PRO C 62 -39.71 11.37 -19.73
N THR C 63 -39.56 10.27 -18.99
CA THR C 63 -39.02 10.31 -17.65
C THR C 63 -37.79 9.42 -17.62
N TYR C 64 -36.71 9.89 -17.00
CA TYR C 64 -35.46 9.14 -16.96
C TYR C 64 -35.00 8.90 -15.51
N ASN C 65 -34.33 7.78 -15.28
CA ASN C 65 -33.86 7.42 -13.94
C ASN C 65 -32.41 6.95 -13.90
N VAL C 66 -31.50 7.88 -14.18
CA VAL C 66 -30.07 7.57 -14.18
C VAL C 66 -29.36 8.25 -13.01
N ALA C 67 -28.19 7.74 -12.66
CA ALA C 67 -27.37 8.32 -11.60
C ALA C 67 -28.11 8.47 -10.27
N GLN C 68 -28.97 7.49 -9.97
CA GLN C 68 -29.78 7.50 -8.75
C GLN C 68 -30.62 8.76 -8.62
N GLY C 69 -31.13 9.26 -9.75
CA GLY C 69 -31.95 10.46 -9.75
C GLY C 69 -33.16 10.36 -10.65
N ASN C 70 -33.86 11.47 -10.81
CA ASN C 70 -35.03 11.53 -11.68
C ASN C 70 -34.92 12.71 -12.64
N GLN C 71 -34.96 12.43 -13.93
CA GLN C 71 -34.84 13.48 -14.93
C GLN C 71 -36.02 13.53 -15.88
N THR C 72 -36.50 14.74 -16.17
CA THR C 72 -37.64 14.93 -17.06
C THR C 72 -37.23 15.52 -18.41
N ASN C 73 -35.91 15.59 -18.63
CA ASN C 73 -35.37 16.03 -19.91
C ASN C 73 -33.97 15.47 -20.13
N VAL C 74 -33.54 15.42 -21.39
CA VAL C 74 -32.27 14.80 -21.73
C VAL C 74 -31.07 15.54 -21.14
N GLY C 75 -31.13 16.87 -21.13
CA GLY C 75 -30.05 17.67 -20.59
C GLY C 75 -29.66 17.31 -19.17
N ASP C 76 -30.65 17.26 -18.28
CA ASP C 76 -30.43 16.89 -16.89
C ASP C 76 -29.85 15.49 -16.77
N ALA C 77 -30.29 14.59 -17.63
CA ALA C 77 -29.79 13.22 -17.63
C ALA C 77 -28.30 13.18 -17.98
N LEU C 78 -27.93 13.91 -19.04
CA LEU C 78 -26.54 13.94 -19.49
C LEU C 78 -25.65 14.60 -18.44
N THR C 79 -26.13 15.66 -17.83
CA THR C 79 -25.39 16.30 -16.75
C THR C 79 -25.20 15.36 -15.57
N ALA C 80 -26.27 14.61 -15.24
CA ALA C 80 -26.23 13.65 -14.15
C ALA C 80 -25.18 12.58 -14.41
N LEU C 81 -25.16 12.05 -15.63
CA LEU C 81 -24.17 11.06 -16.00
C LEU C 81 -22.74 11.62 -15.98
N ASP C 82 -22.59 12.86 -16.44
CA ASP C 82 -21.29 13.52 -16.44
C ASP C 82 -20.74 13.61 -15.01
N ASN C 83 -21.59 14.11 -14.11
CA ASN C 83 -21.25 14.19 -12.70
C ASN C 83 -20.93 12.81 -12.11
N ALA C 84 -21.70 11.80 -12.53
CA ALA C 84 -21.47 10.43 -12.09
C ALA C 84 -20.09 9.93 -12.49
N ILE C 85 -19.70 10.23 -13.74
CA ILE C 85 -18.39 9.85 -14.25
C ILE C 85 -17.28 10.54 -13.46
N ASN C 86 -17.41 11.86 -13.28
CA ASN C 86 -16.42 12.61 -12.51
C ASN C 86 -16.24 12.05 -11.09
N THR C 87 -17.36 11.90 -10.39
CA THR C 87 -17.39 11.37 -9.03
C THR C 87 -16.75 9.99 -8.94
N ALA C 88 -17.19 9.07 -9.80
CA ALA C 88 -16.66 7.72 -9.80
C ALA C 88 -15.16 7.70 -10.09
N ALA C 89 -14.73 8.54 -11.02
CA ALA C 89 -13.31 8.63 -11.37
C ALA C 89 -12.49 9.09 -10.16
N THR C 90 -13.05 10.02 -9.41
CA THR C 90 -12.35 10.54 -8.24
C THR C 90 -12.29 9.55 -7.08
N THR C 91 -13.43 8.91 -6.78
CA THR C 91 -13.51 8.04 -5.61
C THR C 91 -12.93 6.64 -5.81
N SER C 92 -12.84 6.19 -7.06
CA SER C 92 -12.25 4.88 -7.33
C SER C 92 -10.73 4.89 -7.37
N LYS C 93 -10.13 6.08 -7.30
CA LYS C 93 -8.68 6.22 -7.42
C LYS C 93 -8.02 6.01 -6.06
N SER C 94 -7.78 4.75 -5.72
CA SER C 94 -7.16 4.42 -4.44
C SER C 94 -5.71 4.89 -4.41
N THR C 95 -5.26 5.32 -3.24
CA THR C 95 -3.88 5.77 -3.07
C THR C 95 -3.23 4.95 -1.96
N VAL C 96 -1.90 4.94 -1.95
CA VAL C 96 -1.12 4.20 -0.96
C VAL C 96 -0.09 5.13 -0.32
N SER C 97 0.09 5.02 0.99
CA SER C 97 1.04 5.85 1.69
C SER C 97 1.95 4.99 2.56
N ASN C 98 3.08 5.54 2.96
CA ASN C 98 4.01 4.81 3.80
C ASN C 98 3.80 5.10 5.28
N GLY C 99 3.91 4.05 6.09
CA GLY C 99 3.87 4.19 7.54
C GLY C 99 5.21 3.82 8.13
N GLN C 100 5.19 3.23 9.32
CA GLN C 100 6.43 2.85 10.01
C GLN C 100 7.26 1.86 9.20
N ASN C 101 8.53 2.21 8.99
CA ASN C 101 9.50 1.33 8.32
C ASN C 101 9.26 1.08 6.84
N ILE C 102 8.36 1.85 6.24
CA ILE C 102 7.97 1.63 4.85
C ILE C 102 8.23 2.88 4.01
N VAL C 103 8.60 2.67 2.74
CA VAL C 103 8.75 3.73 1.75
C VAL C 103 7.82 3.44 0.57
N VAL C 104 7.12 4.47 0.09
CA VAL C 104 6.20 4.31 -1.04
C VAL C 104 6.54 5.28 -2.18
N SER C 105 6.65 4.75 -3.39
CA SER C 105 7.04 5.54 -4.56
C SER C 105 5.98 5.48 -5.66
N LYS C 106 5.41 6.63 -6.00
CA LYS C 106 4.37 6.69 -7.01
C LYS C 106 4.97 6.93 -8.40
N SER C 107 4.46 6.23 -9.40
CA SER C 107 4.92 6.42 -10.79
C SER C 107 3.76 6.15 -11.72
N LYS C 108 3.92 6.44 -13.00
CA LYS C 108 2.83 6.25 -13.96
C LYS C 108 2.92 4.90 -14.69
N ASN C 109 1.79 4.20 -14.76
CA ASN C 109 1.65 3.04 -15.63
C ASN C 109 1.50 3.50 -17.07
N ALA C 110 1.73 2.59 -18.00
CA ALA C 110 1.73 2.91 -19.43
C ALA C 110 0.40 3.51 -19.90
N ASP C 111 -0.70 3.13 -19.24
CA ASP C 111 -2.02 3.63 -19.64
C ASP C 111 -2.47 4.86 -18.86
N GLY C 112 -1.57 5.41 -18.05
CA GLY C 112 -1.86 6.65 -17.34
C GLY C 112 -2.37 6.49 -15.92
N SER C 113 -2.64 5.25 -15.50
CA SER C 113 -3.00 5.01 -14.12
C SER C 113 -1.75 5.16 -13.25
N ASP C 114 -1.91 5.04 -11.94
CA ASP C 114 -0.80 5.17 -11.00
C ASP C 114 -0.35 3.82 -10.45
N ASN C 115 0.96 3.68 -10.25
CA ASN C 115 1.52 2.53 -9.56
C ASN C 115 2.20 3.00 -8.29
N TYR C 116 2.03 2.22 -7.23
CA TYR C 116 2.69 2.51 -5.96
C TYR C 116 3.65 1.37 -5.62
N GLU C 117 4.95 1.69 -5.62
CA GLU C 117 5.97 0.71 -5.30
C GLU C 117 6.25 0.78 -3.80
N VAL C 118 6.09 -0.35 -3.13
CA VAL C 118 6.25 -0.42 -1.68
C VAL C 118 7.56 -1.13 -1.33
N SER C 119 8.40 -0.45 -0.55
CA SER C 119 9.65 -1.02 -0.05
C SER C 119 9.73 -0.81 1.45
N THR C 120 10.70 -1.44 2.12
CA THR C 120 10.99 -1.07 3.50
C THR C 120 11.99 0.07 3.50
N ALA C 121 12.04 0.82 4.61
CA ALA C 121 13.14 1.76 4.83
C ALA C 121 14.45 0.98 4.94
N LYS C 122 15.57 1.70 4.93
CA LYS C 122 16.89 1.07 5.08
C LYS C 122 17.24 0.83 6.55
N ASP C 123 16.63 1.62 7.42
CA ASP C 123 16.81 1.48 8.86
C ASP C 123 15.47 1.20 9.51
N LEU C 124 15.36 0.06 10.16
CA LEU C 124 14.08 -0.34 10.76
C LEU C 124 14.09 -0.12 12.26
N THR C 125 12.96 0.36 12.78
CA THR C 125 12.72 0.44 14.20
C THR C 125 11.57 -0.49 14.54
N VAL C 126 11.84 -1.48 15.38
CA VAL C 126 10.86 -2.49 15.74
C VAL C 126 10.96 -2.81 17.22
N ASP C 127 10.02 -3.59 17.73
CA ASP C 127 10.12 -4.11 19.09
C ASP C 127 10.92 -5.41 19.12
N SER C 128 10.80 -6.20 18.05
CA SER C 128 11.52 -7.47 18.00
C SER C 128 11.66 -8.03 16.60
N VAL C 129 12.70 -8.85 16.41
CA VAL C 129 12.86 -9.65 15.21
C VAL C 129 13.14 -11.08 15.63
N LYS C 130 12.30 -12.00 15.17
CA LYS C 130 12.53 -13.41 15.44
C LYS C 130 12.95 -14.10 14.14
N ALA C 131 14.14 -14.67 14.16
CA ALA C 131 14.63 -15.46 13.04
C ALA C 131 14.95 -16.87 13.55
N GLY C 132 13.99 -17.77 13.38
CA GLY C 132 14.11 -19.13 13.88
C GLY C 132 14.32 -19.16 15.39
N ASP C 133 15.43 -19.77 15.82
CA ASP C 133 15.72 -19.90 17.23
C ASP C 133 16.33 -18.64 17.85
N THR C 134 16.56 -17.62 17.03
CA THR C 134 17.25 -16.43 17.48
C THR C 134 16.34 -15.20 17.55
N VAL C 135 16.35 -14.54 18.70
CA VAL C 135 15.50 -13.38 18.94
C VAL C 135 16.32 -12.13 19.21
N LEU C 136 15.98 -11.05 18.53
CA LEU C 136 16.54 -9.74 18.80
C LEU C 136 15.45 -8.82 19.36
N ASN C 137 15.72 -8.24 20.52
CA ASN C 137 14.78 -7.30 21.12
C ASN C 137 15.51 -6.32 22.02
N ASN C 138 14.77 -5.61 22.86
CA ASN C 138 15.36 -4.64 23.77
C ASN C 138 16.42 -5.27 24.67
N ALA C 139 16.12 -6.47 25.17
CA ALA C 139 17.01 -7.18 26.08
C ALA C 139 18.33 -7.55 25.41
N GLY C 140 18.29 -7.75 24.09
CA GLY C 140 19.49 -8.08 23.34
C GLY C 140 19.30 -9.22 22.36
N ILE C 141 20.20 -10.20 22.41
CA ILE C 141 20.10 -11.37 21.55
C ILE C 141 19.91 -12.63 22.39
N THR C 142 18.88 -13.41 22.07
CA THR C 142 18.63 -14.67 22.77
C THR C 142 18.59 -15.82 21.78
N ILE C 143 19.40 -16.85 22.01
CA ILE C 143 19.47 -17.97 21.08
C ILE C 143 19.00 -19.27 21.75
N GLY C 144 17.99 -19.90 21.15
CA GLY C 144 17.45 -21.14 21.67
C GLY C 144 16.56 -20.92 22.88
N ASN C 145 16.40 -21.95 23.69
CA ASN C 145 15.66 -21.83 24.94
C ASN C 145 16.57 -21.23 26.01
N ASN C 146 16.91 -19.96 25.83
CA ASN C 146 17.88 -19.27 26.66
C ASN C 146 19.22 -19.99 26.72
N ALA C 147 19.57 -20.69 25.64
CA ALA C 147 20.83 -21.42 25.59
C ALA C 147 21.99 -20.45 25.68
N VAL C 148 21.98 -19.42 24.83
CA VAL C 148 23.00 -18.39 24.84
C VAL C 148 22.33 -17.02 24.84
N VAL C 149 22.73 -16.17 25.78
CA VAL C 149 22.10 -14.87 25.96
C VAL C 149 23.11 -13.73 25.98
N LEU C 150 22.89 -12.73 25.12
CA LEU C 150 23.69 -11.50 25.14
C LEU C 150 22.81 -10.32 25.53
N ASN C 151 23.05 -9.76 26.71
CA ASN C 151 22.28 -8.60 27.18
C ASN C 151 23.19 -7.46 27.62
N ASN C 152 22.63 -6.48 28.31
CA ASN C 152 23.41 -5.30 28.69
C ASN C 152 24.41 -5.54 29.81
N THR C 153 24.47 -6.77 30.33
CA THR C 153 25.49 -7.14 31.30
C THR C 153 26.54 -8.05 30.68
N GLY C 154 26.23 -8.60 29.50
CA GLY C 154 27.19 -9.41 28.79
C GLY C 154 26.67 -10.71 28.22
N LEU C 155 27.56 -11.69 28.14
CA LEU C 155 27.27 -12.98 27.52
C LEU C 155 27.17 -14.11 28.54
N THR C 156 26.08 -14.87 28.48
CA THR C 156 25.93 -16.00 29.38
C THR C 156 25.45 -17.25 28.64
N ILE C 157 26.16 -18.35 28.87
CA ILE C 157 25.82 -19.63 28.27
C ILE C 157 25.28 -20.58 29.34
N SER C 158 24.04 -21.00 29.16
CA SER C 158 23.38 -21.90 30.09
C SER C 158 24.19 -23.19 30.27
N GLY C 159 24.55 -23.50 31.51
CA GLY C 159 25.34 -24.67 31.81
C GLY C 159 26.79 -24.54 31.37
N GLY C 160 27.18 -23.32 31.00
CA GLY C 160 28.53 -23.07 30.53
C GLY C 160 29.13 -21.79 31.08
N PRO C 161 30.22 -21.32 30.48
CA PRO C 161 30.91 -20.12 30.94
C PRO C 161 30.14 -18.83 30.67
N SER C 162 30.63 -17.72 31.23
CA SER C 162 30.01 -16.42 30.98
C SER C 162 31.05 -15.30 30.98
N VAL C 163 30.80 -14.27 30.19
CA VAL C 163 31.62 -13.07 30.20
C VAL C 163 30.70 -11.89 30.49
N THR C 164 30.64 -11.47 31.74
CA THR C 164 29.69 -10.44 32.14
C THR C 164 30.36 -9.31 32.93
N LEU C 165 29.57 -8.32 33.30
CA LEU C 165 30.05 -7.20 34.11
C LEU C 165 30.72 -7.70 35.39
N ALA C 166 30.17 -8.77 35.96
CA ALA C 166 30.67 -9.34 37.20
C ALA C 166 32.01 -10.01 37.00
N GLY C 167 32.37 -10.25 35.73
CA GLY C 167 33.64 -10.85 35.41
C GLY C 167 33.50 -12.10 34.56
N ILE C 168 34.60 -12.84 34.44
CA ILE C 168 34.62 -14.07 33.65
C ILE C 168 34.40 -15.31 34.52
N ASP C 169 33.40 -16.10 34.14
CA ASP C 169 33.10 -17.38 34.79
C ASP C 169 33.51 -18.49 33.83
N ALA C 170 34.44 -19.35 34.24
CA ALA C 170 34.94 -20.42 33.39
C ALA C 170 34.00 -21.63 33.30
N GLY C 171 32.97 -21.66 34.16
CA GLY C 171 31.95 -22.70 34.11
C GLY C 171 32.39 -24.10 34.51
N ASN C 172 33.23 -24.18 35.53
CA ASN C 172 33.75 -25.46 36.01
C ASN C 172 34.45 -26.25 34.92
N LYS C 173 34.99 -25.53 33.94
CA LYS C 173 35.77 -26.12 32.86
C LYS C 173 37.17 -25.53 32.90
N THR C 174 38.10 -26.17 32.22
CA THR C 174 39.46 -25.66 32.13
C THR C 174 39.51 -24.50 31.14
N ILE C 175 40.42 -23.57 31.38
CA ILE C 175 40.72 -22.54 30.39
C ILE C 175 41.94 -23.00 29.63
N GLN C 176 41.82 -23.16 28.32
CA GLN C 176 42.87 -23.76 27.54
C GLN C 176 43.64 -22.77 26.67
N ASN C 177 44.81 -23.21 26.19
CA ASN C 177 45.65 -22.42 25.30
C ASN C 177 46.00 -21.03 25.82
N VAL C 178 46.53 -20.99 27.04
CA VAL C 178 46.93 -19.73 27.66
C VAL C 178 48.44 -19.52 27.54
N ALA C 179 48.82 -18.50 26.76
CA ALA C 179 50.23 -18.16 26.62
C ALA C 179 50.82 -17.73 27.95
N ASN C 180 52.12 -17.94 28.14
CA ASN C 180 52.78 -17.59 29.39
C ASN C 180 52.54 -16.14 29.80
N ALA C 181 52.22 -15.95 31.07
CA ALA C 181 51.99 -14.61 31.61
C ALA C 181 53.24 -13.75 31.50
N VAL C 182 53.04 -12.49 31.11
CA VAL C 182 54.15 -11.54 30.98
C VAL C 182 54.09 -10.50 32.11
N ASN C 183 52.96 -9.83 32.23
CA ASN C 183 52.77 -8.83 33.27
C ASN C 183 52.32 -9.48 34.57
N ALA C 184 52.31 -8.71 35.65
CA ALA C 184 51.97 -9.23 36.98
C ALA C 184 50.50 -9.65 37.08
N THR C 185 49.64 -9.04 36.27
CA THR C 185 48.22 -9.34 36.32
C THR C 185 47.75 -10.20 35.13
N ASP C 186 48.68 -10.94 34.53
CA ASP C 186 48.33 -11.90 33.49
C ASP C 186 48.14 -13.28 34.11
N ALA C 187 47.30 -14.11 33.49
CA ALA C 187 47.07 -15.46 33.98
C ALA C 187 48.27 -16.35 33.73
N VAL C 188 48.62 -17.18 34.71
CA VAL C 188 49.71 -18.12 34.52
C VAL C 188 49.16 -19.48 34.11
N ASN C 189 49.91 -20.20 33.28
CA ASN C 189 49.51 -21.54 32.89
C ASN C 189 50.26 -22.59 33.71
N LYS C 190 49.81 -23.84 33.62
CA LYS C 190 50.39 -24.94 34.38
C LYS C 190 51.89 -25.07 34.15
N GLY C 191 52.30 -24.94 32.89
CA GLY C 191 53.70 -25.01 32.52
C GLY C 191 54.59 -24.07 33.32
N GLN C 192 54.12 -22.84 33.51
CA GLN C 192 54.87 -21.83 34.26
C GLN C 192 55.14 -22.22 35.71
N MET C 193 54.51 -23.30 36.18
CA MET C 193 54.74 -23.77 37.54
C MET C 193 55.80 -24.86 37.57
N LYS C 194 55.95 -25.59 36.47
CA LYS C 194 56.86 -26.74 36.40
C LYS C 194 58.23 -26.42 36.98
N GLN C 195 58.85 -25.37 36.47
CA GLN C 195 60.14 -24.88 36.97
C GLN C 195 60.15 -24.83 38.50
N ILE C 196 59.21 -24.07 39.06
CA ILE C 196 59.07 -23.92 40.50
C ILE C 196 59.00 -25.29 41.16
N GLU C 197 58.15 -26.16 40.62
CA GLU C 197 58.00 -27.50 41.16
C GLU C 197 59.34 -28.20 41.20
N ASP C 198 60.08 -28.14 40.10
CA ASP C 198 61.40 -28.73 40.03
C ASP C 198 62.26 -28.19 41.16
N LYS C 199 62.27 -26.86 41.31
CA LYS C 199 63.03 -26.21 42.37
C LYS C 199 62.70 -26.86 43.70
N ILE C 200 61.39 -26.96 43.97
CA ILE C 200 60.91 -27.59 45.20
C ILE C 200 61.61 -28.93 45.39
N GLU C 201 61.49 -29.78 44.38
CA GLU C 201 62.10 -31.11 44.42
C GLU C 201 63.57 -31.01 44.77
N GLU C 202 64.29 -30.16 44.03
CA GLU C 202 65.72 -30.02 44.24
C GLU C 202 65.97 -29.67 45.69
N ILE C 203 65.23 -28.67 46.18
CA ILE C 203 65.37 -28.22 47.55
C ILE C 203 65.22 -29.41 48.49
N LEU C 204 64.16 -30.18 48.27
CA LEU C 204 63.89 -31.37 49.09
C LEU C 204 65.14 -32.24 49.15
N SER C 205 65.66 -32.57 47.97
CA SER C 205 66.84 -33.42 47.88
C SER C 205 67.90 -32.89 48.82
N LYS C 206 68.24 -31.61 48.64
CA LYS C 206 69.26 -30.96 49.45
C LYS C 206 68.96 -31.25 50.91
N ILE C 207 67.79 -30.83 51.35
CA ILE C 207 67.38 -30.99 52.73
C ILE C 207 67.66 -32.42 53.19
N TYR C 208 67.11 -33.38 52.44
CA TYR C 208 67.22 -34.78 52.80
C TYR C 208 68.66 -35.11 53.11
N HIS C 209 69.54 -34.84 52.14
CA HIS C 209 70.95 -35.20 52.29
C HIS C 209 71.48 -34.61 53.57
N ILE C 210 71.31 -33.29 53.72
CA ILE C 210 71.83 -32.59 54.89
C ILE C 210 71.33 -33.27 56.15
N GLU C 211 70.02 -33.54 56.19
CA GLU C 211 69.42 -34.20 57.34
C GLU C 211 70.24 -35.43 57.70
N ASN C 212 70.36 -36.34 56.75
CA ASN C 212 71.05 -37.59 57.00
C ASN C 212 72.48 -37.35 57.43
N GLU C 213 73.14 -36.39 56.78
CA GLU C 213 74.53 -36.14 57.09
C GLU C 213 74.65 -35.64 58.53
N ILE C 214 73.69 -34.82 58.95
CA ILE C 214 73.67 -34.33 60.32
C ILE C 214 73.57 -35.50 61.28
N ALA C 215 72.74 -36.48 60.92
CA ALA C 215 72.61 -37.68 61.73
C ALA C 215 73.96 -38.38 61.83
N ARG C 216 74.68 -38.42 60.72
CA ARG C 216 76.01 -39.05 60.70
C ARG C 216 76.94 -38.30 61.62
N ILE C 217 76.76 -36.97 61.69
CA ILE C 217 77.55 -36.14 62.59
C ILE C 217 77.16 -36.44 64.03
N LYS C 218 75.88 -36.71 64.25
CA LYS C 218 75.38 -37.01 65.58
C LYS C 218 75.97 -38.31 66.12
N LYS C 219 75.96 -39.34 65.28
CA LYS C 219 76.55 -40.63 65.65
C LYS C 219 78.07 -40.57 65.63
#